data_1Q3L
# 
_entry.id   1Q3L 
# 
_audit_conform.dict_name       mmcif_pdbx.dic 
_audit_conform.dict_version    5.376 
_audit_conform.dict_location   http://mmcif.pdb.org/dictionaries/ascii/mmcif_pdbx.dic 
# 
loop_
_database_2.database_id 
_database_2.database_code 
_database_2.pdbx_database_accession 
_database_2.pdbx_DOI 
PDB   1Q3L         pdb_00001q3l 10.2210/pdb1q3l/pdb 
RCSB  RCSB019872   ?            ?                   
WWPDB D_1000019872 ?            ?                   
# 
loop_
_pdbx_database_related.db_name 
_pdbx_database_related.db_id 
_pdbx_database_related.details 
_pdbx_database_related.content_type 
PDB 1KNA . unspecified 
PDB 1KNE . unspecified 
PDB 1PDQ . unspecified 
# 
_pdbx_database_status.status_code                     REL 
_pdbx_database_status.entry_id                        1Q3L 
_pdbx_database_status.recvd_initial_deposition_date   2003-07-30 
_pdbx_database_status.deposit_site                    RCSB 
_pdbx_database_status.process_site                    RCSB 
_pdbx_database_status.status_code_sf                  REL 
_pdbx_database_status.SG_entry                        . 
_pdbx_database_status.pdb_format_compatible           Y 
_pdbx_database_status.status_code_mr                  ? 
_pdbx_database_status.status_code_cs                  ? 
_pdbx_database_status.status_code_nmr_data            ? 
_pdbx_database_status.methods_development_category    ? 
# 
loop_
_audit_author.name 
_audit_author.pdbx_ordinal 
'Jacobs, S.A.'       1 
'Khorasanizadeh, S.' 2 
# 
_citation.id                        primary 
_citation.title                     'Chromodomain Of HP1 Complexed With Histone H3 Tail Containing monomethyllysine 9' 
_citation.journal_abbrev            'To be Published' 
_citation.journal_volume            ? 
_citation.page_first                ? 
_citation.page_last                 ? 
_citation.year                      ? 
_citation.journal_id_ASTM           ? 
_citation.country                   ? 
_citation.journal_id_ISSN           ? 
_citation.journal_id_CSD            0353 
_citation.book_publisher            ? 
_citation.pdbx_database_id_PubMed   ? 
_citation.pdbx_database_id_DOI      ? 
# 
loop_
_citation_author.citation_id 
_citation_author.name 
_citation_author.ordinal 
_citation_author.identifier_ORCID 
primary 'Jacobs, S.A.'       1 ? 
primary 'Khorasanizadeh, S.' 2 ? 
# 
_cell.entry_id           1Q3L 
_cell.length_a           33.809 
_cell.length_b           76.828 
_cell.length_c           75.625 
_cell.angle_alpha        90.00 
_cell.angle_beta         90.00 
_cell.angle_gamma        90.00 
_cell.Z_PDB              8 
_cell.pdbx_unique_axis   ? 
# 
_symmetry.entry_id                         1Q3L 
_symmetry.space_group_name_H-M             'C 2 2 21' 
_symmetry.pdbx_full_space_group_name_H-M   ? 
_symmetry.cell_setting                     ? 
_symmetry.Int_Tables_number                20 
_symmetry.space_group_name_Hall            ? 
# 
loop_
_entity.id 
_entity.type 
_entity.src_method 
_entity.pdbx_description 
_entity.formula_weight 
_entity.pdbx_number_of_molecules 
_entity.pdbx_ec 
_entity.pdbx_mutation 
_entity.pdbx_fragment 
_entity.details 
1 polymer man 'Heterochromatin protein 1' 8586.468 1  ? ? 'sequence database residues 17-76' ? 
2 polymer syn 'Histone H3'                1741.990 1  ? ? 'tail residues 1-16'               ? 
3 water   nat water                       18.015   95 ? ? ?                                  ? 
# 
_entity_name_com.entity_id   1 
_entity_name_com.name        'HP1, Nonhistone chromosomal protein C1A9 antigen' 
# 
loop_
_entity_poly.entity_id 
_entity_poly.type 
_entity_poly.nstd_linkage 
_entity_poly.nstd_monomer 
_entity_poly.pdbx_seq_one_letter_code 
_entity_poly.pdbx_seq_one_letter_code_can 
_entity_poly.pdbx_strand_id 
_entity_poly.pdbx_target_identifier 
1 'polypeptide(L)' no no  MKKHHHHHHAEEEEEEYAVEKIIDRRVRKGMVEYYLKWKGYPETENTWEPENNLDCQDLIQQYEASRKD 
MKKHHHHHHAEEEEEEYAVEKIIDRRVRKGMVEYYLKWKGYPETENTWEPENNLDCQDLIQQYEASRKD A ? 
2 'polypeptide(L)' no yes 'ARTKQTAR(MLZ)STGGKAY'                                                ARTKQTARKSTGGKAY P ? 
# 
loop_
_entity_poly_seq.entity_id 
_entity_poly_seq.num 
_entity_poly_seq.mon_id 
_entity_poly_seq.hetero 
1 1  MET n 
1 2  LYS n 
1 3  LYS n 
1 4  HIS n 
1 5  HIS n 
1 6  HIS n 
1 7  HIS n 
1 8  HIS n 
1 9  HIS n 
1 10 ALA n 
1 11 GLU n 
1 12 GLU n 
1 13 GLU n 
1 14 GLU n 
1 15 GLU n 
1 16 GLU n 
1 17 TYR n 
1 18 ALA n 
1 19 VAL n 
1 20 GLU n 
1 21 LYS n 
1 22 ILE n 
1 23 ILE n 
1 24 ASP n 
1 25 ARG n 
1 26 ARG n 
1 27 VAL n 
1 28 ARG n 
1 29 LYS n 
1 30 GLY n 
1 31 MET n 
1 32 VAL n 
1 33 GLU n 
1 34 TYR n 
1 35 TYR n 
1 36 LEU n 
1 37 LYS n 
1 38 TRP n 
1 39 LYS n 
1 40 GLY n 
1 41 TYR n 
1 42 PRO n 
1 43 GLU n 
1 44 THR n 
1 45 GLU n 
1 46 ASN n 
1 47 THR n 
1 48 TRP n 
1 49 GLU n 
1 50 PRO n 
1 51 GLU n 
1 52 ASN n 
1 53 ASN n 
1 54 LEU n 
1 55 ASP n 
1 56 CYS n 
1 57 GLN n 
1 58 ASP n 
1 59 LEU n 
1 60 ILE n 
1 61 GLN n 
1 62 GLN n 
1 63 TYR n 
1 64 GLU n 
1 65 ALA n 
1 66 SER n 
1 67 ARG n 
1 68 LYS n 
1 69 ASP n 
2 1  ALA n 
2 2  ARG n 
2 3  THR n 
2 4  LYS n 
2 5  GLN n 
2 6  THR n 
2 7  ALA n 
2 8  ARG n 
2 9  MLZ n 
2 10 SER n 
2 11 THR n 
2 12 GLY n 
2 13 GLY n 
2 14 LYS n 
2 15 ALA n 
2 16 TYR n 
# 
_entity_src_gen.entity_id                          1 
_entity_src_gen.pdbx_src_id                        1 
_entity_src_gen.pdbx_alt_source_flag               sample 
_entity_src_gen.pdbx_seq_type                      ? 
_entity_src_gen.pdbx_beg_seq_num                   ? 
_entity_src_gen.pdbx_end_seq_num                   ? 
_entity_src_gen.gene_src_common_name               'fruit fly' 
_entity_src_gen.gene_src_genus                     Drosophila 
_entity_src_gen.pdbx_gene_src_gene                 'SU(VAR)205 OR HP1 OR CG8409' 
_entity_src_gen.gene_src_species                   ? 
_entity_src_gen.gene_src_strain                    ? 
_entity_src_gen.gene_src_tissue                    ? 
_entity_src_gen.gene_src_tissue_fraction           ? 
_entity_src_gen.gene_src_details                   ? 
_entity_src_gen.pdbx_gene_src_fragment             ? 
_entity_src_gen.pdbx_gene_src_scientific_name      'Drosophila melanogaster' 
_entity_src_gen.pdbx_gene_src_ncbi_taxonomy_id     7227 
_entity_src_gen.pdbx_gene_src_variant              ? 
_entity_src_gen.pdbx_gene_src_cell_line            ? 
_entity_src_gen.pdbx_gene_src_atcc                 ? 
_entity_src_gen.pdbx_gene_src_organ                ? 
_entity_src_gen.pdbx_gene_src_organelle            ? 
_entity_src_gen.pdbx_gene_src_cell                 ? 
_entity_src_gen.pdbx_gene_src_cellular_location    ? 
_entity_src_gen.host_org_common_name               ? 
_entity_src_gen.pdbx_host_org_scientific_name      'Escherichia coli BL21(DE3)' 
_entity_src_gen.pdbx_host_org_ncbi_taxonomy_id     469008 
_entity_src_gen.host_org_genus                     Escherichia 
_entity_src_gen.pdbx_host_org_gene                 ? 
_entity_src_gen.pdbx_host_org_organ                ? 
_entity_src_gen.host_org_species                   'Escherichia coli' 
_entity_src_gen.pdbx_host_org_tissue               ? 
_entity_src_gen.pdbx_host_org_tissue_fraction      ? 
_entity_src_gen.pdbx_host_org_strain               'BL21(DE3)' 
_entity_src_gen.pdbx_host_org_variant              ? 
_entity_src_gen.pdbx_host_org_cell_line            ? 
_entity_src_gen.pdbx_host_org_atcc                 ? 
_entity_src_gen.pdbx_host_org_culture_collection   ? 
_entity_src_gen.pdbx_host_org_cell                 ? 
_entity_src_gen.pdbx_host_org_organelle            ? 
_entity_src_gen.pdbx_host_org_cellular_location    ? 
_entity_src_gen.pdbx_host_org_vector_type          plasmid 
_entity_src_gen.pdbx_host_org_vector               ? 
_entity_src_gen.host_org_details                   ? 
_entity_src_gen.expression_system_id               ? 
_entity_src_gen.plasmid_name                       pET11a 
_entity_src_gen.plasmid_details                    ? 
_entity_src_gen.pdbx_description                   ? 
# 
_pdbx_entity_src_syn.entity_id              2 
_pdbx_entity_src_syn.pdbx_src_id            1 
_pdbx_entity_src_syn.pdbx_alt_source_flag   sample 
_pdbx_entity_src_syn.pdbx_beg_seq_num       ? 
_pdbx_entity_src_syn.pdbx_end_seq_num       ? 
_pdbx_entity_src_syn.organism_scientific    ? 
_pdbx_entity_src_syn.organism_common_name   ? 
_pdbx_entity_src_syn.ncbi_taxonomy_id       ? 
_pdbx_entity_src_syn.details                
'The peptide is chemically synthesized. The sequence is naturally found in Homo sapiens (human).' 
# 
loop_
_struct_ref.id 
_struct_ref.db_name 
_struct_ref.db_code 
_struct_ref.pdbx_db_accession 
_struct_ref.entity_id 
_struct_ref.pdbx_seq_one_letter_code 
_struct_ref.pdbx_align_begin 
_struct_ref.pdbx_db_isoform 
1 UNP HP1_DROME P05205 1 AEEEEEEYAVEKIIDRRVRKGKVEYYLKWKGYPETENTWEPENNLDCQDLIQQYEASRKD 17 ? 
2 UNP H31_HUMAN P16106 2 ARTKQTARKSTGGKAP                                             1  ? 
# 
loop_
_struct_ref_seq.align_id 
_struct_ref_seq.ref_id 
_struct_ref_seq.pdbx_PDB_id_code 
_struct_ref_seq.pdbx_strand_id 
_struct_ref_seq.seq_align_beg 
_struct_ref_seq.pdbx_seq_align_beg_ins_code 
_struct_ref_seq.seq_align_end 
_struct_ref_seq.pdbx_seq_align_end_ins_code 
_struct_ref_seq.pdbx_db_accession 
_struct_ref_seq.db_align_beg 
_struct_ref_seq.pdbx_db_align_beg_ins_code 
_struct_ref_seq.db_align_end 
_struct_ref_seq.pdbx_db_align_end_ins_code 
_struct_ref_seq.pdbx_auth_seq_align_beg 
_struct_ref_seq.pdbx_auth_seq_align_end 
1 1 1Q3L A 10 ? 69 ? P05205 17 ? 76 ? 17 76 
2 2 1Q3L P 1  ? 16 ? P16106 1  ? 16 ? 1  16 
# 
loop_
_struct_ref_seq_dif.align_id 
_struct_ref_seq_dif.pdbx_pdb_id_code 
_struct_ref_seq_dif.mon_id 
_struct_ref_seq_dif.pdbx_pdb_strand_id 
_struct_ref_seq_dif.seq_num 
_struct_ref_seq_dif.pdbx_pdb_ins_code 
_struct_ref_seq_dif.pdbx_seq_db_name 
_struct_ref_seq_dif.pdbx_seq_db_accession_code 
_struct_ref_seq_dif.db_mon_id 
_struct_ref_seq_dif.pdbx_seq_db_seq_num 
_struct_ref_seq_dif.details 
_struct_ref_seq_dif.pdbx_auth_seq_num 
_struct_ref_seq_dif.pdbx_ordinal 
1 1Q3L MET A 1  ? UNP P05205 ?   ?  'expression tag'   8  1  
1 1Q3L LYS A 2  ? UNP P05205 ?   ?  'expression tag'   9  2  
1 1Q3L LYS A 3  ? UNP P05205 ?   ?  'expression tag'   10 3  
1 1Q3L HIS A 4  ? UNP P05205 ?   ?  'expression tag'   11 4  
1 1Q3L HIS A 5  ? UNP P05205 ?   ?  'expression tag'   12 5  
1 1Q3L HIS A 6  ? UNP P05205 ?   ?  'expression tag'   13 6  
1 1Q3L HIS A 7  ? UNP P05205 ?   ?  'expression tag'   14 7  
1 1Q3L HIS A 8  ? UNP P05205 ?   ?  'expression tag'   15 8  
1 1Q3L HIS A 9  ? UNP P05205 ?   ?  'expression tag'   16 9  
1 1Q3L MET A 31 ? UNP P05205 LYS 38 conflict           38 10 
2 1Q3L MLZ P 9  ? UNP P16106 LYS 9  'modified residue' 9  11 
2 1Q3L TYR P 16 ? UNP P16106 PRO 16 conflict           16 12 
# 
loop_
_chem_comp.id 
_chem_comp.type 
_chem_comp.mon_nstd_flag 
_chem_comp.name 
_chem_comp.pdbx_synonyms 
_chem_comp.formula 
_chem_comp.formula_weight 
ALA 'L-peptide linking' y ALANINE         ? 'C3 H7 N O2'     89.093  
ARG 'L-peptide linking' y ARGININE        ? 'C6 H15 N4 O2 1' 175.209 
ASN 'L-peptide linking' y ASPARAGINE      ? 'C4 H8 N2 O3'    132.118 
ASP 'L-peptide linking' y 'ASPARTIC ACID' ? 'C4 H7 N O4'     133.103 
CYS 'L-peptide linking' y CYSTEINE        ? 'C3 H7 N O2 S'   121.158 
GLN 'L-peptide linking' y GLUTAMINE       ? 'C5 H10 N2 O3'   146.144 
GLU 'L-peptide linking' y 'GLUTAMIC ACID' ? 'C5 H9 N O4'     147.129 
GLY 'peptide linking'   y GLYCINE         ? 'C2 H5 N O2'     75.067  
HIS 'L-peptide linking' y HISTIDINE       ? 'C6 H10 N3 O2 1' 156.162 
HOH non-polymer         . WATER           ? 'H2 O'           18.015  
ILE 'L-peptide linking' y ISOLEUCINE      ? 'C6 H13 N O2'    131.173 
LEU 'L-peptide linking' y LEUCINE         ? 'C6 H13 N O2'    131.173 
LYS 'L-peptide linking' y LYSINE          ? 'C6 H15 N2 O2 1' 147.195 
MET 'L-peptide linking' y METHIONINE      ? 'C5 H11 N O2 S'  149.211 
MLZ 'L-peptide linking' n N-METHYL-LYSINE ? 'C7 H16 N2 O2'   160.214 
PRO 'L-peptide linking' y PROLINE         ? 'C5 H9 N O2'     115.130 
SER 'L-peptide linking' y SERINE          ? 'C3 H7 N O3'     105.093 
THR 'L-peptide linking' y THREONINE       ? 'C4 H9 N O3'     119.119 
TRP 'L-peptide linking' y TRYPTOPHAN      ? 'C11 H12 N2 O2'  204.225 
TYR 'L-peptide linking' y TYROSINE        ? 'C9 H11 N O3'    181.189 
VAL 'L-peptide linking' y VALINE          ? 'C5 H11 N O2'    117.146 
# 
_exptl.entry_id          1Q3L 
_exptl.method            'X-RAY DIFFRACTION' 
_exptl.crystals_number   1 
# 
_exptl_crystal.id                    1 
_exptl_crystal.density_meas          ? 
_exptl_crystal.density_Matthews      2.38 
_exptl_crystal.density_percent_sol   48.26 
_exptl_crystal.description           ? 
_exptl_crystal.F_000                 ? 
_exptl_crystal.preparation           ? 
# 
_exptl_crystal_grow.crystal_id      1 
_exptl_crystal_grow.method          'VAPOR DIFFUSION, SITTING DROP' 
_exptl_crystal_grow.temp            283 
_exptl_crystal_grow.temp_details    ? 
_exptl_crystal_grow.pH              6.1 
_exptl_crystal_grow.pdbx_details    'Ammonium Sulfate, MES, pH 6.1, VAPOR DIFFUSION, SITTING DROP, temperature 283K' 
_exptl_crystal_grow.pdbx_pH_range   . 
# 
_diffrn.id                     1 
_diffrn.ambient_temp           100 
_diffrn.ambient_temp_details   ? 
_diffrn.crystal_id             1 
# 
_diffrn_detector.diffrn_id              1 
_diffrn_detector.detector               CCD 
_diffrn_detector.type                   'ADSC QUANTUM 315' 
_diffrn_detector.pdbx_collection_date   2002-01-01 
_diffrn_detector.details                ? 
# 
_diffrn_radiation.diffrn_id                        1 
_diffrn_radiation.wavelength_id                    1 
_diffrn_radiation.pdbx_monochromatic_or_laue_m_l   M 
_diffrn_radiation.monochromator                    'Si(111)' 
_diffrn_radiation.pdbx_diffrn_protocol             'SINGLE WAVELENGTH' 
_diffrn_radiation.pdbx_scattering_type             x-ray 
# 
_diffrn_radiation_wavelength.id           1 
_diffrn_radiation_wavelength.wavelength   0.92080 
_diffrn_radiation_wavelength.wt           1.0 
# 
_diffrn_source.diffrn_id                   1 
_diffrn_source.source                      SYNCHROTRON 
_diffrn_source.type                        'NSLS BEAMLINE X25' 
_diffrn_source.pdbx_synchrotron_site       NSLS 
_diffrn_source.pdbx_synchrotron_beamline   X25 
_diffrn_source.pdbx_wavelength             ? 
_diffrn_source.pdbx_wavelength_list        0.92080 
# 
_reflns.entry_id                     1Q3L 
_reflns.observed_criterion_sigma_F   0.0 
_reflns.observed_criterion_sigma_I   0.0 
_reflns.d_resolution_high            1.64 
_reflns.d_resolution_low             38.35 
_reflns.number_all                   10752 
_reflns.number_obs                   10752 
_reflns.percent_possible_obs         .9057 
_reflns.pdbx_Rmerge_I_obs            ? 
_reflns.pdbx_Rsym_value              0.051 
_reflns.pdbx_netI_over_sigmaI        52.9 
_reflns.B_iso_Wilson_estimate        ? 
_reflns.pdbx_redundancy              7.37 
_reflns.R_free_details               ? 
_reflns.limit_h_max                  ? 
_reflns.limit_h_min                  ? 
_reflns.limit_k_max                  ? 
_reflns.limit_k_min                  ? 
_reflns.limit_l_max                  ? 
_reflns.limit_l_min                  ? 
_reflns.observed_criterion_F_max     ? 
_reflns.observed_criterion_F_min     ? 
_reflns.pdbx_chi_squared             ? 
_reflns.pdbx_scaling_rejects         ? 
_reflns.pdbx_diffrn_id               1 
_reflns.pdbx_ordinal                 1 
# 
_reflns_shell.d_res_high             1.64 
_reflns_shell.d_res_low              1.70 
_reflns_shell.percent_possible_all   .988 
_reflns_shell.Rmerge_I_obs           ? 
_reflns_shell.pdbx_Rsym_value        0.143 
_reflns_shell.meanI_over_sigI_obs    20.5 
_reflns_shell.pdbx_redundancy        ? 
_reflns_shell.percent_possible_obs   ? 
_reflns_shell.number_unique_all      1211 
_reflns_shell.number_measured_all    ? 
_reflns_shell.number_measured_obs    ? 
_reflns_shell.number_unique_obs      ? 
_reflns_shell.pdbx_chi_squared       ? 
_reflns_shell.pdbx_diffrn_id         ? 
_reflns_shell.pdbx_ordinal           1 
# 
_refine.entry_id                                 1Q3L 
_refine.ls_number_reflns_obs                     10752 
_refine.ls_number_reflns_all                     10752 
_refine.pdbx_ls_sigma_I                          0.0 
_refine.pdbx_ls_sigma_F                          0.0 
_refine.pdbx_data_cutoff_high_absF               ? 
_refine.pdbx_data_cutoff_low_absF                ? 
_refine.pdbx_data_cutoff_high_rms_absF           ? 
_refine.ls_d_res_low                             38.35 
_refine.ls_d_res_high                            1.64 
_refine.ls_percent_reflns_obs                    90.57 
_refine.ls_R_factor_obs                          0.22315 
_refine.ls_R_factor_all                          0.22315 
_refine.ls_R_factor_R_work                       0.22218 
_refine.ls_R_factor_R_free                       0.24091 
_refine.ls_R_factor_R_free_error                 ? 
_refine.ls_R_factor_R_free_error_details         ? 
_refine.ls_percent_reflns_R_free                 4.8 
_refine.ls_number_reflns_R_free                  537 
_refine.ls_number_parameters                     ? 
_refine.ls_number_restraints                     ? 
_refine.occupancy_min                            ? 
_refine.occupancy_max                            ? 
_refine.correlation_coeff_Fo_to_Fc               0.935 
_refine.correlation_coeff_Fo_to_Fc_free          0.924 
_refine.B_iso_mean                               22.511 
_refine.aniso_B[1][1]                            1.46 
_refine.aniso_B[2][2]                            -1.05 
_refine.aniso_B[3][3]                            -0.40 
_refine.aniso_B[1][2]                            0.00 
_refine.aniso_B[1][3]                            0.00 
_refine.aniso_B[2][3]                            0.00 
_refine.solvent_model_details                    'BABINET MODEL WITH MASK' 
_refine.solvent_model_param_ksol                 ? 
_refine.solvent_model_param_bsol                 ? 
_refine.pdbx_solvent_vdw_probe_radii             1.40 
_refine.pdbx_solvent_ion_probe_radii             0.80 
_refine.pdbx_solvent_shrinkage_radii             0.80 
_refine.pdbx_ls_cross_valid_method               THROUGHOUT 
_refine.details                                  'HYDROGENS HAVE BEEN ADDED IN THE RIDING POSITIONS' 
_refine.pdbx_starting_model                      1KNA 
_refine.pdbx_method_to_determine_struct          'MOLECULAR REPLACEMENT' 
_refine.pdbx_isotropic_thermal_model             ? 
_refine.pdbx_stereochemistry_target_values       'MAXIMUM LIKELIHOOD' 
_refine.pdbx_stereochem_target_val_spec_case     ? 
_refine.pdbx_R_Free_selection_details            RANDOM 
_refine.pdbx_overall_ESU_R                       0.102 
_refine.pdbx_overall_ESU_R_Free                  0.098 
_refine.overall_SU_ML                            0.045 
_refine.overall_SU_B                             1.174 
_refine.ls_redundancy_reflns_obs                 ? 
_refine.B_iso_min                                ? 
_refine.B_iso_max                                ? 
_refine.overall_SU_R_Cruickshank_DPI             ? 
_refine.overall_SU_R_free                        ? 
_refine.ls_wR_factor_R_free                      ? 
_refine.ls_wR_factor_R_work                      ? 
_refine.overall_FOM_free_R_set                   ? 
_refine.overall_FOM_work_R_set                   ? 
_refine.pdbx_refine_id                           'X-RAY DIFFRACTION' 
_refine.pdbx_diffrn_id                           1 
_refine.pdbx_TLS_residual_ADP_flag               ? 
_refine.pdbx_overall_phase_error                 ? 
_refine.pdbx_overall_SU_R_free_Cruickshank_DPI   ? 
_refine.pdbx_overall_SU_R_Blow_DPI               ? 
_refine.pdbx_overall_SU_R_free_Blow_DPI          ? 
# 
_refine_hist.pdbx_refine_id                   'X-RAY DIFFRACTION' 
_refine_hist.cycle_id                         LAST 
_refine_hist.pdbx_number_atoms_protein        498 
_refine_hist.pdbx_number_atoms_nucleic_acid   0 
_refine_hist.pdbx_number_atoms_ligand         0 
_refine_hist.number_atoms_solvent             95 
_refine_hist.number_atoms_total               593 
_refine_hist.d_res_high                       1.64 
_refine_hist.d_res_low                        38.35 
# 
loop_
_refine_ls_restr.type 
_refine_ls_restr.dev_ideal 
_refine_ls_restr.dev_ideal_target 
_refine_ls_restr.weight 
_refine_ls_restr.number 
_refine_ls_restr.pdbx_refine_id 
_refine_ls_restr.pdbx_restraint_function 
r_bond_refined_d         0.017 0.021 ? 509  'X-RAY DIFFRACTION' ? 
r_bond_other_d           0.002 0.020 ? 442  'X-RAY DIFFRACTION' ? 
r_angle_refined_deg      1.898 1.958 ? 683  'X-RAY DIFFRACTION' ? 
r_angle_other_deg        1.241 3.000 ? 1033 'X-RAY DIFFRACTION' ? 
r_dihedral_angle_1_deg   6.727 5.000 ? 56   'X-RAY DIFFRACTION' ? 
r_chiral_restr           0.431 0.200 ? 68   'X-RAY DIFFRACTION' ? 
r_gen_planes_refined     0.011 0.020 ? 567  'X-RAY DIFFRACTION' ? 
r_gen_planes_other       0.005 0.020 ? 108  'X-RAY DIFFRACTION' ? 
r_nbd_refined            0.226 0.200 ? 104  'X-RAY DIFFRACTION' ? 
r_nbd_other              0.260 0.200 ? 540  'X-RAY DIFFRACTION' ? 
r_nbtor_other            0.113 0.200 ? 323  'X-RAY DIFFRACTION' ? 
r_xyhbond_nbd_refined    0.175 0.200 ? 48   'X-RAY DIFFRACTION' ? 
r_symmetry_vdw_refined   0.219 0.200 ? 9    'X-RAY DIFFRACTION' ? 
r_symmetry_vdw_other     0.264 0.200 ? 24   'X-RAY DIFFRACTION' ? 
r_symmetry_hbond_refined 0.268 0.200 ? 11   'X-RAY DIFFRACTION' ? 
r_mcbond_it              1.206 1.500 ? 290  'X-RAY DIFFRACTION' ? 
r_mcangle_it             2.124 2.000 ? 466  'X-RAY DIFFRACTION' ? 
r_scbond_it              3.019 3.000 ? 219  'X-RAY DIFFRACTION' ? 
r_scangle_it             4.871 4.500 ? 217  'X-RAY DIFFRACTION' ? 
# 
_refine_ls_shell.pdbx_total_number_of_bins_used   20 
_refine_ls_shell.d_res_high                       1.640 
_refine_ls_shell.d_res_low                        1.682 
_refine_ls_shell.number_reflns_R_work             874 
_refine_ls_shell.R_factor_R_work                  0.13 
_refine_ls_shell.percent_reflns_obs               .988 
_refine_ls_shell.R_factor_R_free                  0.225 
_refine_ls_shell.R_factor_R_free_error            ? 
_refine_ls_shell.percent_reflns_R_free            ? 
_refine_ls_shell.number_reflns_R_free             40 
_refine_ls_shell.number_reflns_obs                1211 
_refine_ls_shell.redundancy_reflns_obs            ? 
_refine_ls_shell.number_reflns_all                ? 
_refine_ls_shell.pdbx_refine_id                   'X-RAY DIFFRACTION' 
_refine_ls_shell.R_factor_all                     ? 
# 
_struct.entry_id                  1Q3L 
_struct.title                     'Chromodomain Of HP1 Complexed With Histone H3 Tail Containing monomethyllysine 9.' 
_struct.pdbx_model_details        ? 
_struct.pdbx_CASP_flag            ? 
_struct.pdbx_model_type_details   ? 
# 
_struct_keywords.entry_id        1Q3L 
_struct_keywords.pdbx_keywords   'STRUCTURAL PROTEIN' 
_struct_keywords.text            'chromodomain, HP1, chromatin, methyllysine, monomethyllysine, histone, H3, STRUCTURAL PROTEIN' 
# 
loop_
_struct_asym.id 
_struct_asym.pdbx_blank_PDB_chainid_flag 
_struct_asym.pdbx_modified 
_struct_asym.entity_id 
_struct_asym.details 
A N N 1 ? 
B N N 2 ? 
C N N 3 ? 
D N N 3 ? 
# 
_struct_biol.id                    1 
_struct_biol.pdbx_parent_biol_id   ? 
_struct_biol.details               ? 
# 
loop_
_struct_conf.conf_type_id 
_struct_conf.id 
_struct_conf.pdbx_PDB_helix_id 
_struct_conf.beg_label_comp_id 
_struct_conf.beg_label_asym_id 
_struct_conf.beg_label_seq_id 
_struct_conf.pdbx_beg_PDB_ins_code 
_struct_conf.end_label_comp_id 
_struct_conf.end_label_asym_id 
_struct_conf.end_label_seq_id 
_struct_conf.pdbx_end_PDB_ins_code 
_struct_conf.beg_auth_comp_id 
_struct_conf.beg_auth_asym_id 
_struct_conf.beg_auth_seq_id 
_struct_conf.end_auth_comp_id 
_struct_conf.end_auth_asym_id 
_struct_conf.end_auth_seq_id 
_struct_conf.pdbx_PDB_helix_class 
_struct_conf.details 
_struct_conf.pdbx_PDB_helix_length 
HELX_P HELX_P1 1 PRO A 42 ? ASN A 46 ? PRO A 49 ASN A 53 5 ? 5  
HELX_P HELX_P2 2 CYS A 56 ? ARG A 67 ? CYS A 63 ARG A 74 1 ? 12 
# 
_struct_conf_type.id          HELX_P 
_struct_conf_type.criteria    ? 
_struct_conf_type.reference   ? 
# 
loop_
_struct_conn.id 
_struct_conn.conn_type_id 
_struct_conn.pdbx_leaving_atom_flag 
_struct_conn.pdbx_PDB_id 
_struct_conn.ptnr1_label_asym_id 
_struct_conn.ptnr1_label_comp_id 
_struct_conn.ptnr1_label_seq_id 
_struct_conn.ptnr1_label_atom_id 
_struct_conn.pdbx_ptnr1_label_alt_id 
_struct_conn.pdbx_ptnr1_PDB_ins_code 
_struct_conn.pdbx_ptnr1_standard_comp_id 
_struct_conn.ptnr1_symmetry 
_struct_conn.ptnr2_label_asym_id 
_struct_conn.ptnr2_label_comp_id 
_struct_conn.ptnr2_label_seq_id 
_struct_conn.ptnr2_label_atom_id 
_struct_conn.pdbx_ptnr2_label_alt_id 
_struct_conn.pdbx_ptnr2_PDB_ins_code 
_struct_conn.ptnr1_auth_asym_id 
_struct_conn.ptnr1_auth_comp_id 
_struct_conn.ptnr1_auth_seq_id 
_struct_conn.ptnr2_auth_asym_id 
_struct_conn.ptnr2_auth_comp_id 
_struct_conn.ptnr2_auth_seq_id 
_struct_conn.ptnr2_symmetry 
_struct_conn.pdbx_ptnr3_label_atom_id 
_struct_conn.pdbx_ptnr3_label_seq_id 
_struct_conn.pdbx_ptnr3_label_comp_id 
_struct_conn.pdbx_ptnr3_label_asym_id 
_struct_conn.pdbx_ptnr3_label_alt_id 
_struct_conn.pdbx_ptnr3_PDB_ins_code 
_struct_conn.details 
_struct_conn.pdbx_dist_value 
_struct_conn.pdbx_value_order 
_struct_conn.pdbx_role 
covale1 covale both ? B ARG 8 C ? ? ? 1_555 B MLZ 9  N ? ? P ARG 8 P MLZ 9  1_555 ? ? ? ? ? ? ? 1.320 ? ? 
covale2 covale both ? B MLZ 9 C ? ? ? 1_555 B SER 10 N ? ? P MLZ 9 P SER 10 1_555 ? ? ? ? ? ? ? 1.339 ? ? 
# 
_struct_conn_type.id          covale 
_struct_conn_type.criteria    ? 
_struct_conn_type.reference   ? 
# 
_struct_sheet.id               A 
_struct_sheet.type             ? 
_struct_sheet.number_strands   5 
_struct_sheet.details          ? 
# 
loop_
_struct_sheet_order.sheet_id 
_struct_sheet_order.range_id_1 
_struct_sheet_order.range_id_2 
_struct_sheet_order.offset 
_struct_sheet_order.sense 
A 1 2 ? anti-parallel 
A 2 3 ? anti-parallel 
A 3 4 ? anti-parallel 
A 4 5 ? anti-parallel 
# 
loop_
_struct_sheet_range.sheet_id 
_struct_sheet_range.id 
_struct_sheet_range.beg_label_comp_id 
_struct_sheet_range.beg_label_asym_id 
_struct_sheet_range.beg_label_seq_id 
_struct_sheet_range.pdbx_beg_PDB_ins_code 
_struct_sheet_range.end_label_comp_id 
_struct_sheet_range.end_label_asym_id 
_struct_sheet_range.end_label_seq_id 
_struct_sheet_range.pdbx_end_PDB_ins_code 
_struct_sheet_range.beg_auth_comp_id 
_struct_sheet_range.beg_auth_asym_id 
_struct_sheet_range.beg_auth_seq_id 
_struct_sheet_range.end_auth_comp_id 
_struct_sheet_range.end_auth_asym_id 
_struct_sheet_range.end_auth_seq_id 
A 1 THR A 47 ? PRO A 50 ? THR A 54 PRO A 57 
A 2 MET A 31 ? TRP A 38 ? MET A 38 TRP A 45 
A 3 TYR A 17 ? ARG A 28 ? TYR A 24 ARG A 35 
A 4 THR B 6  ? ALA B 7  ? THR P 6  ALA P 7  
A 5 LEU A 54 ? ASP A 55 ? LEU A 61 ASP A 62 
# 
loop_
_pdbx_struct_sheet_hbond.sheet_id 
_pdbx_struct_sheet_hbond.range_id_1 
_pdbx_struct_sheet_hbond.range_id_2 
_pdbx_struct_sheet_hbond.range_1_label_atom_id 
_pdbx_struct_sheet_hbond.range_1_label_comp_id 
_pdbx_struct_sheet_hbond.range_1_label_asym_id 
_pdbx_struct_sheet_hbond.range_1_label_seq_id 
_pdbx_struct_sheet_hbond.range_1_PDB_ins_code 
_pdbx_struct_sheet_hbond.range_1_auth_atom_id 
_pdbx_struct_sheet_hbond.range_1_auth_comp_id 
_pdbx_struct_sheet_hbond.range_1_auth_asym_id 
_pdbx_struct_sheet_hbond.range_1_auth_seq_id 
_pdbx_struct_sheet_hbond.range_2_label_atom_id 
_pdbx_struct_sheet_hbond.range_2_label_comp_id 
_pdbx_struct_sheet_hbond.range_2_label_asym_id 
_pdbx_struct_sheet_hbond.range_2_label_seq_id 
_pdbx_struct_sheet_hbond.range_2_PDB_ins_code 
_pdbx_struct_sheet_hbond.range_2_auth_atom_id 
_pdbx_struct_sheet_hbond.range_2_auth_comp_id 
_pdbx_struct_sheet_hbond.range_2_auth_asym_id 
_pdbx_struct_sheet_hbond.range_2_auth_seq_id 
A 1 2 O THR A 47 ? O THR A 54 N LEU A 36 ? N LEU A 43 
A 2 3 O GLU A 33 ? O GLU A 40 N ARG A 26 ? N ARG A 33 
A 3 4 N TYR A 17 ? N TYR A 24 O ALA B 7  ? O ALA P 7  
A 4 5 O THR B 6  ? O THR P 6  N ASP A 55 ? N ASP A 62 
# 
_atom_sites.entry_id                    1Q3L 
_atom_sites.fract_transf_matrix[1][1]   0.01897151 
_atom_sites.fract_transf_matrix[1][2]   0.01317804 
_atom_sites.fract_transf_matrix[1][3]   0.01847374 
_atom_sites.fract_transf_matrix[2][1]   -0.00702294 
_atom_sites.fract_transf_matrix[2][2]   0.01094268 
_atom_sites.fract_transf_matrix[2][3]   -0.00059367 
_atom_sites.fract_transf_matrix[3][1]   -0.00721195 
_atom_sites.fract_transf_matrix[3][2]   -0.00406929 
_atom_sites.fract_transf_matrix[3][3]   0.01030905 
_atom_sites.fract_transf_vector[1]      -0.194667 
_atom_sites.fract_transf_vector[2]      0.127941 
_atom_sites.fract_transf_vector[3]      0.063991 
# 
loop_
_atom_type.symbol 
C 
N 
O 
S 
# 
loop_
_atom_site.group_PDB 
_atom_site.id 
_atom_site.type_symbol 
_atom_site.label_atom_id 
_atom_site.label_alt_id 
_atom_site.label_comp_id 
_atom_site.label_asym_id 
_atom_site.label_entity_id 
_atom_site.label_seq_id 
_atom_site.pdbx_PDB_ins_code 
_atom_site.Cartn_x 
_atom_site.Cartn_y 
_atom_site.Cartn_z 
_atom_site.occupancy 
_atom_site.B_iso_or_equiv 
_atom_site.pdbx_formal_charge 
_atom_site.auth_seq_id 
_atom_site.auth_comp_id 
_atom_site.auth_asym_id 
_atom_site.auth_atom_id 
_atom_site.pdbx_PDB_model_num 
ATOM   1   N N   . GLU A 1 16 ? 2.623   7.264   8.037   1.00 35.84 ? 23  GLU A N   1 
ATOM   2   C CA  . GLU A 1 16 ? 3.254   7.227   9.369   1.00 35.17 ? 23  GLU A CA  1 
ATOM   3   C C   . GLU A 1 16 ? 3.428   5.825   9.932   1.00 32.22 ? 23  GLU A C   1 
ATOM   4   O O   . GLU A 1 16 ? 3.678   5.699   11.109  1.00 33.08 ? 23  GLU A O   1 
ATOM   5   C CB  . GLU A 1 16 ? 2.443   8.032   10.380  1.00 36.33 ? 23  GLU A CB  1 
ATOM   6   C CG  . GLU A 1 16 ? 2.170   9.477   10.028  1.00 40.82 ? 23  GLU A CG  1 
ATOM   7   C CD  . GLU A 1 16 ? 1.176   10.117  10.983  1.00 43.10 ? 23  GLU A CD  1 
ATOM   8   O OE1 . GLU A 1 16 ? 0.581   11.157  10.604  1.00 47.25 ? 23  GLU A OE1 1 
ATOM   9   O OE2 . GLU A 1 16 ? 0.992   9.584   12.110  1.00 45.94 ? 23  GLU A OE2 1 
ATOM   10  N N   . TYR A 1 17 ? 3.263   4.770   9.120   1.00 28.90 ? 24  TYR A N   1 
ATOM   11  C CA  . TYR A 1 17 ? 3.351   3.410   9.624   1.00 27.08 ? 24  TYR A CA  1 
ATOM   12  C C   . TYR A 1 17 ? 4.124   2.528   8.670   1.00 24.59 ? 24  TYR A C   1 
ATOM   13  O O   . TYR A 1 17 ? 4.116   2.737   7.466   1.00 23.77 ? 24  TYR A O   1 
ATOM   14  C CB  . TYR A 1 17 ? 1.971   2.794   9.798   1.00 26.66 ? 24  TYR A CB  1 
ATOM   15  C CG  . TYR A 1 17 ? 1.049   3.569   10.669  1.00 26.14 ? 24  TYR A CG  1 
ATOM   16  C CD1 . TYR A 1 17 ? 0.356   4.682   10.183  1.00 27.21 ? 24  TYR A CD1 1 
ATOM   17  C CD2 . TYR A 1 17 ? 0.841   3.195   11.982  1.00 27.62 ? 24  TYR A CD2 1 
ATOM   18  C CE1 . TYR A 1 17 ? -0.506  5.397   10.998  1.00 25.67 ? 24  TYR A CE1 1 
ATOM   19  C CE2 . TYR A 1 17 ? -0.031  3.903   12.798  1.00 27.73 ? 24  TYR A CE2 1 
ATOM   20  C CZ  . TYR A 1 17 ? -0.700  4.984   12.296  1.00 30.12 ? 24  TYR A CZ  1 
ATOM   21  O OH  . TYR A 1 17 ? -1.546  5.678   13.092  1.00 31.14 ? 24  TYR A OH  1 
ATOM   22  N N   . ALA A 1 18 ? 4.803   1.533   9.231   1.00 23.83 ? 25  ALA A N   1 
ATOM   23  C CA  . ALA A 1 18 ? 5.522   0.550   8.450   1.00 23.11 ? 25  ALA A CA  1 
ATOM   24  C C   . ALA A 1 18 ? 4.565   -0.351  7.677   1.00 21.73 ? 25  ALA A C   1 
ATOM   25  O O   . ALA A 1 18 ? 3.567   -0.849  8.210   1.00 20.67 ? 25  ALA A O   1 
ATOM   26  C CB  . ALA A 1 18 ? 6.416   -0.299  9.349   1.00 22.47 ? 25  ALA A CB  1 
ATOM   27  N N   . VAL A 1 19 ? 4.897   -0.574  6.420   1.00 22.19 ? 26  VAL A N   1 
ATOM   28  C CA  . VAL A 1 19 ? 4.113   -1.379  5.514   1.00 20.76 ? 26  VAL A CA  1 
ATOM   29  C C   . VAL A 1 19 ? 4.764   -2.738  5.375   1.00 20.90 ? 26  VAL A C   1 
ATOM   30  O O   . VAL A 1 19 ? 6.000   -2.843  5.182   1.00 22.53 ? 26  VAL A O   1 
ATOM   31  C CB  . VAL A 1 19 ? 4.017   -0.687  4.121   1.00 20.50 ? 26  VAL A CB  1 
ATOM   32  C CG1 . VAL A 1 19 ? 3.299   -1.571  3.056   1.00 21.81 ? 26  VAL A CG1 1 
ATOM   33  C CG2 . VAL A 1 19 ? 3.363   0.718   4.279   1.00 22.40 ? 26  VAL A CG2 1 
ATOM   34  N N   . GLU A 1 20 ? 3.960   -3.761  5.571   1.00 19.71 ? 27  GLU A N   1 
ATOM   35  C CA  . GLU A 1 20 ? 4.351   -5.153  5.387   1.00 19.15 ? 27  GLU A CA  1 
ATOM   36  C C   . GLU A 1 20 ? 4.401   -5.574  3.916   1.00 19.79 ? 27  GLU A C   1 
ATOM   37  O O   . GLU A 1 20 ? 5.440   -6.020  3.429   1.00 20.72 ? 27  GLU A O   1 
ATOM   38  C CB  . GLU A 1 20 ? 3.461   -6.087  6.235   1.00 18.60 ? 27  GLU A CB  1 
ATOM   39  C CG  . GLU A 1 20 ? 3.932   -7.500  6.186   1.00 21.13 ? 27  GLU A CG  1 
ATOM   40  C CD  . GLU A 1 20 ? 3.242   -8.418  7.138   1.00 24.90 ? 27  GLU A CD  1 
ATOM   41  O OE1 . GLU A 1 20 ? 2.685   -7.947  8.145   1.00 24.30 ? 27  GLU A OE1 1 
ATOM   42  O OE2 . GLU A 1 20 ? 3.274   -9.647  6.884   1.00 31.64 ? 27  GLU A OE2 1 
ATOM   43  N N   . LYS A 1 21 ? 3.312   -5.316  3.184   1.00 18.80 ? 28  LYS A N   1 
ATOM   44  C CA  . LYS A 1 21 ? 3.169   -5.783  1.813   1.00 19.44 ? 28  LYS A CA  1 
ATOM   45  C C   . LYS A 1 21 ? 1.962   -5.105  1.167   1.00 18.04 ? 28  LYS A C   1 
ATOM   46  O O   . LYS A 1 21 ? 0.987   -4.720  1.834   1.00 18.86 ? 28  LYS A O   1 
ATOM   47  C CB  . LYS A 1 21 ? 2.990   -7.317  1.780   1.00 20.69 ? 28  LYS A CB  1 
ATOM   48  C CG  . LYS A 1 21 ? 1.716   -7.922  2.466   1.00 22.84 ? 28  LYS A CG  1 
ATOM   49  C CD  . LYS A 1 21 ? 1.499   -9.446  2.210   1.00 27.04 ? 28  LYS A CD  1 
ATOM   50  C CE  . LYS A 1 21 ? 0.313   -10.001 2.942   1.00 29.27 ? 28  LYS A CE  1 
ATOM   51  N NZ  . LYS A 1 21 ? 0.073   -11.436 2.528   1.00 32.67 ? 28  LYS A NZ  1 
ATOM   52  N N   . ILE A 1 22 ? 2.029   -5.030  -0.160  1.00 16.97 ? 29  ILE A N   1 
ATOM   53  C CA  . ILE A 1 22 ? 0.885   -4.640  -0.985  1.00 18.07 ? 29  ILE A CA  1 
ATOM   54  C C   . ILE A 1 22 ? 0.101   -5.854  -1.345  1.00 17.90 ? 29  ILE A C   1 
ATOM   55  O O   . ILE A 1 22 ? 0.616   -6.807  -1.919  1.00 20.12 ? 29  ILE A O   1 
ATOM   56  C CB  . ILE A 1 22 ? 1.383   -3.895  -2.208  1.00 19.12 ? 29  ILE A CB  1 
ATOM   57  C CG1 . ILE A 1 22 ? 1.931   -2.566  -1.748  1.00 22.77 ? 29  ILE A CG1 1 
ATOM   58  C CG2 . ILE A 1 22 ? 0.244   -3.554  -3.145  1.00 18.79 ? 29  ILE A CG2 1 
ATOM   59  C CD1 . ILE A 1 22 ? 2.915   -2.563  -0.783  1.00 27.90 ? 29  ILE A CD1 1 
ATOM   60  N N   . ILE A 1 23 ? -1.195  -5.794  -1.073  1.00 18.04 ? 30  ILE A N   1 
ATOM   61  C CA  . ILE A 1 23 ? -2.094  -6.902  -1.347  1.00 19.30 ? 30  ILE A CA  1 
ATOM   62  C C   . ILE A 1 23 ? -2.783  -6.776  -2.706  1.00 21.58 ? 30  ILE A C   1 
ATOM   63  O O   . ILE A 1 23 ? -3.038  -7.782  -3.384  1.00 23.76 ? 30  ILE A O   1 
ATOM   64  C CB  . ILE A 1 23 ? -3.095  -7.025  -0.216  1.00 20.33 ? 30  ILE A CB  1 
ATOM   65  C CG1 . ILE A 1 23 ? -2.401  -7.326  1.132   1.00 23.53 ? 30  ILE A CG1 1 
ATOM   66  C CG2 . ILE A 1 23 ? -4.192  -8.062  -0.540  1.00 19.24 ? 30  ILE A CG2 1 
ATOM   67  C CD1 . ILE A 1 23 ? -3.361  -7.246  2.303   1.00 26.38 ? 30  ILE A CD1 1 
ATOM   68  N N   . ASP A 1 24 ? -3.160  -5.556  -3.076  1.00 20.52 ? 31  ASP A N   1 
ATOM   69  C CA  . ASP A 1 24 ? -3.931  -5.328  -4.293  1.00 21.58 ? 31  ASP A CA  1 
ATOM   70  C C   . ASP A 1 24 ? -3.790  -3.850  -4.688  1.00 21.47 ? 31  ASP A C   1 
ATOM   71  O O   . ASP A 1 24 ? -3.187  -3.069  -3.972  1.00 19.87 ? 31  ASP A O   1 
ATOM   72  C CB  . ASP A 1 24 ? -5.369  -5.656  -3.969  1.00 22.40 ? 31  ASP A CB  1 
ATOM   73  C CG  . ASP A 1 24 ? -6.213  -5.953  -5.175  1.00 25.19 ? 31  ASP A CG  1 
ATOM   74  O OD1 . ASP A 1 24 ? -5.708  -6.008  -6.318  1.00 26.51 ? 31  ASP A OD1 1 
ATOM   75  O OD2 . ASP A 1 24 ? -7.448  -6.101  -5.022  1.00 31.66 ? 31  ASP A OD2 1 
ATOM   76  N N   . ARG A 1 25 ? -4.296  -3.535  -5.876  1.00 22.14 ? 32  ARG A N   1 
ATOM   77  C CA  . ARG A 1 25 ? -4.210  -2.257  -6.493  1.00 22.57 ? 32  ARG A CA  1 
ATOM   78  C C   . ARG A 1 25 ? -5.498  -1.988  -7.217  1.00 22.34 ? 32  ARG A C   1 
ATOM   79  O O   . ARG A 1 25 ? -6.121  -2.904  -7.707  1.00 23.34 ? 32  ARG A O   1 
ATOM   80  C CB  . ARG A 1 25 ? -3.112  -2.299  -7.517  1.00 23.61 ? 32  ARG A CB  1 
ATOM   81  C CG  . ARG A 1 25 ? -2.887  -1.096  -8.344  1.00 27.39 ? 32  ARG A CG  1 
ATOM   82  C CD  . ARG A 1 25 ? -1.877  -1.405  -9.423  1.00 31.90 ? 32  ARG A CD  1 
ATOM   83  N NE  . ARG A 1 25 ? -1.548  -0.273  -10.255 1.00 36.21 ? 32  ARG A NE  1 
ATOM   84  C CZ  . ARG A 1 25 ? -2.323  0.203   -11.222 1.00 37.64 ? 32  ARG A CZ  1 
ATOM   85  N NH1 . ARG A 1 25 ? -3.519  -0.330  -11.469 1.00 36.69 ? 32  ARG A NH1 1 
ATOM   86  N NH2 . ARG A 1 25 ? -1.907  1.236   -11.933 1.00 40.20 ? 32  ARG A NH2 1 
ATOM   87  N N   . ARG A 1 26 ? -5.874  -0.723  -7.268  1.00 21.72 ? 33  ARG A N   1 
ATOM   88  C CA  . ARG A 1 26 ? -7.082  -0.294  -7.996  1.00 21.85 ? 33  ARG A CA  1 
ATOM   89  C C   . ARG A 1 26 ? -6.938  1.147   -8.421  1.00 22.49 ? 33  ARG A C   1 
ATOM   90  O O   . ARG A 1 26 ? -6.054  1.878   -7.961  1.00 22.05 ? 33  ARG A O   1 
ATOM   91  C CB  . ARG A 1 26 ? -8.347  -0.445  -7.126  1.00 23.12 ? 33  ARG A CB  1 
ATOM   92  C CG  . ARG A 1 26 ? -8.513  0.555   -6.024  1.00 23.92 ? 33  ARG A CG  1 
ATOM   93  C CD  . ARG A 1 26 ? -9.647  0.214   -5.044  1.00 22.86 ? 33  ARG A CD  1 
ATOM   94  N NE  . ARG A 1 26 ? -9.788  1.233   -4.007  1.00 23.71 ? 33  ARG A NE  1 
ATOM   95  C CZ  . ARG A 1 26 ? -10.709 1.216   -3.017  1.00 23.62 ? 33  ARG A CZ  1 
ATOM   96  N NH1 . ARG A 1 26 ? -11.534 0.196   -2.864  1.00 26.73 ? 33  ARG A NH1 1 
ATOM   97  N NH2 . ARG A 1 26 ? -10.729 2.192   -2.135  1.00 26.03 ? 33  ARG A NH2 1 
ATOM   98  N N   . VAL A 1 27 ? -7.862  1.593   -9.287  1.00 22.82 ? 34  VAL A N   1 
ATOM   99  C CA  . VAL A 1 27 ? -7.957  3.011   -9.591  1.00 23.64 ? 34  VAL A CA  1 
ATOM   100 C C   . VAL A 1 27 ? -9.325  3.470   -9.078  1.00 22.44 ? 34  VAL A C   1 
ATOM   101 O O   . VAL A 1 27 ? -10.346 2.802   -9.308  1.00 23.60 ? 34  VAL A O   1 
ATOM   102 C CB  . VAL A 1 27 ? -7.765  3.293   -11.100 1.00 23.39 ? 34  VAL A CB  1 
ATOM   103 C CG1 . VAL A 1 27 ? -7.976  4.806   -11.389 1.00 25.03 ? 34  VAL A CG1 1 
ATOM   104 C CG2 . VAL A 1 27 ? -6.391  2.803   -11.555 1.00 26.13 ? 34  VAL A CG2 1 
ATOM   105 N N   . ARG A 1 28 ? -9.316  4.559   -8.313  1.00 23.06 ? 35  ARG A N   1 
ATOM   106 C CA  . ARG A 1 28 ? -10.550 5.152   -7.735  1.00 25.13 ? 35  ARG A CA  1 
ATOM   107 C C   . ARG A 1 28 ? -10.473 6.644   -7.875  1.00 26.43 ? 35  ARG A C   1 
ATOM   108 O O   . ARG A 1 28 ? -9.509  7.266   -7.449  1.00 26.09 ? 35  ARG A O   1 
ATOM   109 C CB  . ARG A 1 28 ? -10.752 4.794   -6.256  1.00 25.97 ? 35  ARG A CB  1 
ATOM   110 C CG  . ARG A 1 28 ? -11.190 3.397   -5.958  1.00 28.78 ? 35  ARG A CG  1 
ATOM   111 C CD  . ARG A 1 28 ? -12.642 3.062   -6.407  1.00 32.16 ? 35  ARG A CD  1 
ATOM   112 N NE  . ARG A 1 28 ? -12.982 1.637   -6.235  1.00 34.35 ? 35  ARG A NE  1 
ATOM   113 C CZ  . ARG A 1 28 ? -12.683 0.673   -7.109  1.00 34.63 ? 35  ARG A CZ  1 
ATOM   114 N NH1 . ARG A 1 28 ? -12.040 0.938   -8.225  1.00 31.85 ? 35  ARG A NH1 1 
ATOM   115 N NH2 . ARG A 1 28 ? -13.046 -0.590  -6.874  1.00 37.70 ? 35  ARG A NH2 1 
ATOM   116 N N   . LYS A 1 29 ? -11.488 7.242   -8.506  1.00 26.17 ? 36  LYS A N   1 
ATOM   117 C CA  . LYS A 1 29 ? -11.487 8.682   -8.673  1.00 28.39 ? 36  LYS A CA  1 
ATOM   118 C C   . LYS A 1 29 ? -10.223 9.166   -9.439  1.00 27.15 ? 36  LYS A C   1 
ATOM   119 O O   . LYS A 1 29 ? -9.698  10.256  -9.215  1.00 29.76 ? 36  LYS A O   1 
ATOM   120 C CB  . LYS A 1 29 ? -11.651 9.361   -7.310  1.00 29.20 ? 36  LYS A CB  1 
ATOM   121 C CG  . LYS A 1 29 ? -12.979 9.139   -6.657  1.00 33.25 ? 36  LYS A CG  1 
ATOM   122 C CD  . LYS A 1 29 ? -13.139 10.145  -5.530  1.00 37.59 ? 36  LYS A CD  1 
ATOM   123 C CE  . LYS A 1 29 ? -14.424 9.919   -4.774  1.00 40.37 ? 36  LYS A CE  1 
ATOM   124 N NZ  . LYS A 1 29 ? -14.218 8.784   -3.832  1.00 42.29 ? 36  LYS A NZ  1 
ATOM   125 N N   . GLY A 1 30 ? -9.720  8.333   -10.345 1.00 25.30 ? 37  GLY A N   1 
ATOM   126 C CA  . GLY A 1 30 ? -8.572  8.680   -11.159 1.00 25.34 ? 37  GLY A CA  1 
ATOM   127 C C   . GLY A 1 30 ? -7.204  8.572   -10.475 1.00 26.14 ? 37  GLY A C   1 
ATOM   128 O O   . GLY A 1 30 ? -6.179  8.940   -11.070 1.00 27.31 ? 37  GLY A O   1 
ATOM   129 N N   . MET A 1 31 ? -7.211  8.020   -9.258  1.00 26.48 ? 38  MET A N   1 
ATOM   130 C CA  . MET A 1 31 ? -6.024  7.812   -8.436  1.00 27.81 ? 38  MET A CA  1 
ATOM   131 C C   . MET A 1 31 ? -5.744  6.325   -8.296  1.00 25.43 ? 38  MET A C   1 
ATOM   132 O O   . MET A 1 31 ? -6.661  5.553   -8.021  1.00 24.62 ? 38  MET A O   1 
ATOM   133 C CB  . MET A 1 31 ? -6.258  8.373   -7.017  1.00 29.25 ? 38  MET A CB  1 
ATOM   134 C CG  . MET A 1 31 ? -6.701  9.813   -6.928  1.00 35.23 ? 38  MET A CG  1 
ATOM   135 S SD  . MET A 1 31 ? -5.369  10.924  -7.403  1.00 46.36 ? 38  MET A SD  1 
ATOM   136 C CE  . MET A 1 31 ? -4.662  11.379  -5.796  1.00 46.00 ? 38  MET A CE  1 
ATOM   137 N N   . VAL A 1 32 ? -4.487  5.927   -8.492  1.00 24.68 ? 39  VAL A N   1 
ATOM   138 C CA  . VAL A 1 32 ? -4.021  4.594   -8.134  1.00 23.67 ? 39  VAL A CA  1 
ATOM   139 C C   . VAL A 1 32 ? -3.963  4.462   -6.602  1.00 22.25 ? 39  VAL A C   1 
ATOM   140 O O   . VAL A 1 32 ? -3.412  5.308   -5.927  1.00 21.16 ? 39  VAL A O   1 
ATOM   141 C CB  . VAL A 1 32 ? -2.634  4.300   -8.726  1.00 24.56 ? 39  VAL A CB  1 
ATOM   142 C CG1 . VAL A 1 32 ? -2.162  2.990   -8.258  1.00 25.00 ? 39  VAL A CG1 1 
ATOM   143 C CG2 . VAL A 1 32 ? -2.691  4.358   -10.260 1.00 26.24 ? 39  VAL A CG2 1 
ATOM   144 N N   . GLU A 1 33 ? -4.606  3.427   -6.076  1.00 20.27 ? 40  GLU A N   1 
ATOM   145 C CA  . GLU A 1 33 ? -4.630  3.111   -4.659  1.00 20.05 ? 40  GLU A CA  1 
ATOM   146 C C   . GLU A 1 33 ? -4.117  1.698   -4.486  1.00 17.88 ? 40  GLU A C   1 
ATOM   147 O O   . GLU A 1 33 ? -4.350  0.782   -5.330  1.00 18.75 ? 40  GLU A O   1 
ATOM   148 C CB  . GLU A 1 33 ? -6.052  3.182   -4.087  1.00 20.33 ? 40  GLU A CB  1 
ATOM   149 C CG  . GLU A 1 33 ? -6.584  4.588   -4.153  1.00 23.75 ? 40  GLU A CG  1 
ATOM   150 C CD  . GLU A 1 33 ? -7.927  4.752   -3.470  1.00 25.99 ? 40  GLU A CD  1 
ATOM   151 O OE1 . GLU A 1 33 ? -8.657  3.774   -3.296  1.00 26.85 ? 40  GLU A OE1 1 
ATOM   152 O OE2 . GLU A 1 33 ? -8.212  5.882   -3.055  1.00 30.91 ? 40  GLU A OE2 1 
ATOM   153 N N   . TYR A 1 34 ? -3.427  1.456   -3.359  1.00 18.20 ? 41  TYR A N   1 
ATOM   154 C CA  . TYR A 1 34 ? -2.895  0.152   -3.033  1.00 18.13 ? 41  TYR A CA  1 
ATOM   155 C C   . TYR A 1 34 ? -3.538  -0.300  -1.722  1.00 16.65 ? 41  TYR A C   1 
ATOM   156 O O   . TYR A 1 34 ? -3.697  0.501   -0.772  1.00 17.93 ? 41  TYR A O   1 
ATOM   157 C CB  . TYR A 1 34 ? -1.346  0.239   -2.882  1.00 15.95 ? 41  TYR A CB  1 
ATOM   158 C CG  . TYR A 1 34 ? -0.613  0.445   -4.186  1.00 16.77 ? 41  TYR A CG  1 
ATOM   159 C CD1 . TYR A 1 34 ? -0.466  -0.611  -5.090  1.00 19.62 ? 41  TYR A CD1 1 
ATOM   160 C CD2 . TYR A 1 34 ? -0.013  1.671   -4.486  1.00 20.84 ? 41  TYR A CD2 1 
ATOM   161 C CE1 . TYR A 1 34 ? 0.228   -0.443  -6.289  1.00 20.66 ? 41  TYR A CE1 1 
ATOM   162 C CE2 . TYR A 1 34 ? 0.647   1.826   -5.701  1.00 20.00 ? 41  TYR A CE2 1 
ATOM   163 C CZ  . TYR A 1 34 ? 0.766   0.784   -6.560  1.00 20.46 ? 41  TYR A CZ  1 
ATOM   164 O OH  . TYR A 1 34 ? 1.481   1.079   -7.725  1.00 27.02 ? 41  TYR A OH  1 
ATOM   165 N N   . TYR A 1 35 ? -3.863  -1.586  -1.641  1.00 17.74 ? 42  TYR A N   1 
ATOM   166 C CA  . TYR A 1 35 ? -4.431  -2.155  -0.446  1.00 17.60 ? 42  TYR A CA  1 
ATOM   167 C C   . TYR A 1 35 ? -3.271  -2.713  0.360   1.00 17.56 ? 42  TYR A C   1 
ATOM   168 O O   . TYR A 1 35 ? -2.606  -3.596  -0.107  1.00 18.23 ? 42  TYR A O   1 
ATOM   169 C CB  . TYR A 1 35 ? -5.454  -3.239  -0.810  1.00 17.94 ? 42  TYR A CB  1 
ATOM   170 C CG  . TYR A 1 35 ? -6.308  -3.762  0.339   1.00 19.39 ? 42  TYR A CG  1 
ATOM   171 C CD1 . TYR A 1 35 ? -7.141  -2.911  1.057   1.00 23.30 ? 42  TYR A CD1 1 
ATOM   172 C CD2 . TYR A 1 35 ? -6.326  -5.103  0.633   1.00 22.15 ? 42  TYR A CD2 1 
ATOM   173 C CE1 . TYR A 1 35 ? -7.946  -3.399  2.061   1.00 23.18 ? 42  TYR A CE1 1 
ATOM   174 C CE2 . TYR A 1 35 ? -7.140  -5.599  1.654   1.00 22.73 ? 42  TYR A CE2 1 
ATOM   175 C CZ  . TYR A 1 35 ? -7.924  -4.740  2.361   1.00 27.06 ? 42  TYR A CZ  1 
ATOM   176 O OH  . TYR A 1 35 ? -8.756  -5.225  3.371   1.00 29.06 ? 42  TYR A OH  1 
ATOM   177 N N   . LEU A 1 36 ? -3.072  -2.194  1.547   1.00 16.98 ? 43  LEU A N   1 
ATOM   178 C CA  . LEU A 1 36 ? -1.867  -2.474  2.378   1.00 17.11 ? 43  LEU A CA  1 
ATOM   179 C C   . LEU A 1 36 ? -2.141  -3.324  3.599   1.00 18.97 ? 43  LEU A C   1 
ATOM   180 O O   . LEU A 1 36 ? -3.099  -3.082  4.328   1.00 19.21 ? 43  LEU A O   1 
ATOM   181 C CB  . LEU A 1 36 ? -1.206  -1.193  2.870   1.00 16.41 ? 43  LEU A CB  1 
ATOM   182 C CG  . LEU A 1 36 ? -0.915  -0.129  1.791   1.00 18.75 ? 43  LEU A CG  1 
ATOM   183 C CD1 . LEU A 1 36 ? -0.208  1.098   2.396   1.00 18.98 ? 43  LEU A CD1 1 
ATOM   184 C CD2 . LEU A 1 36 ? -0.104  -0.742  0.645   1.00 19.41 ? 43  LEU A CD2 1 
ATOM   185 N N   . LYS A 1 37 ? -1.236  -4.262  3.858   1.00 18.98 ? 44  LYS A N   1 
ATOM   186 C CA  . LYS A 1 37 ? -1.103  -4.910  5.173   1.00 19.17 ? 44  LYS A CA  1 
ATOM   187 C C   . LYS A 1 37 ? -0.078  -4.137  5.929   1.00 19.57 ? 44  LYS A C   1 
ATOM   188 O O   . LYS A 1 37 ? 1.014   -3.947  5.448   1.00 18.38 ? 44  LYS A O   1 
ATOM   189 C CB  . LYS A 1 37 ? -0.668  -6.374  5.012   1.00 20.48 ? 44  LYS A CB  1 
ATOM   190 C CG  . LYS A 1 37 ? -0.221  -7.020  6.338   1.00 21.54 ? 44  LYS A CG  1 
ATOM   191 C CD  . LYS A 1 37 ? -1.390  -7.307  7.217   1.00 20.20 ? 44  LYS A CD  1 
ATOM   192 C CE  . LYS A 1 37 ? -1.025  -8.137  8.420   1.00 19.58 ? 44  LYS A CE  1 
ATOM   193 N NZ  . LYS A 1 37 ? 0.142   -7.612  9.178   1.00 19.93 ? 44  LYS A NZ  1 
ATOM   194 N N   . TRP A 1 38 ? -0.437  -3.651  7.106   1.00 18.96 ? 45  TRP A N   1 
ATOM   195 C CA  . TRP A 1 38 ? 0.435   -2.852  7.906   1.00 18.65 ? 45  TRP A CA  1 
ATOM   196 C C   . TRP A 1 38 ? 1.260   -3.742  8.857   1.00 20.55 ? 45  TRP A C   1 
ATOM   197 O O   . TRP A 1 38 ? 0.715   -4.630  9.507   1.00 21.48 ? 45  TRP A O   1 
ATOM   198 C CB  . TRP A 1 38 ? -0.379  -1.849  8.713   1.00 19.82 ? 45  TRP A CB  1 
ATOM   199 C CG  . TRP A 1 38 ? -1.171  -0.867  7.878   1.00 19.41 ? 45  TRP A CG  1 
ATOM   200 C CD1 . TRP A 1 38 ? -2.507  -0.934  7.629   1.00 20.37 ? 45  TRP A CD1 1 
ATOM   201 C CD2 . TRP A 1 38 ? -0.704  0.310   7.230   1.00 21.27 ? 45  TRP A CD2 1 
ATOM   202 N NE1 . TRP A 1 38 ? -2.903  0.114   6.823   1.00 20.82 ? 45  TRP A NE1 1 
ATOM   203 C CE2 . TRP A 1 38 ? -1.809  0.918   6.597   1.00 19.57 ? 45  TRP A CE2 1 
ATOM   204 C CE3 . TRP A 1 38 ? 0.534   0.924   7.114   1.00 22.88 ? 45  TRP A CE3 1 
ATOM   205 C CZ2 . TRP A 1 38 ? -1.684  2.124   5.880   1.00 18.33 ? 45  TRP A CZ2 1 
ATOM   206 C CZ3 . TRP A 1 38 ? 0.638   2.121   6.400   1.00 21.09 ? 45  TRP A CZ3 1 
ATOM   207 C CH2 . TRP A 1 38 ? -0.453  2.680   5.784   1.00 20.21 ? 45  TRP A CH2 1 
ATOM   208 N N   . LYS A 1 39 ? 2.541   -3.452  8.980   1.00 22.46 ? 46  LYS A N   1 
ATOM   209 C CA  . LYS A 1 39 ? 3.417   -4.314  9.804   1.00 22.98 ? 46  LYS A CA  1 
ATOM   210 C C   . LYS A 1 39 ? 2.995   -4.272  11.273  1.00 22.54 ? 46  LYS A C   1 
ATOM   211 O O   . LYS A 1 39 ? 2.870   -3.194  11.840  1.00 23.64 ? 46  LYS A O   1 
ATOM   212 C CB  . LYS A 1 39 ? 4.883   -3.912  9.642   1.00 23.89 ? 46  LYS A CB  1 
ATOM   213 C CG  . LYS A 1 39 ? 5.840   -4.945  10.226  1.00 26.02 ? 46  LYS A CG  1 
ATOM   214 C CD  . LYS A 1 39 ? 7.288   -4.516  10.011  1.00 31.68 ? 46  LYS A CD  1 
ATOM   215 C CE  . LYS A 1 39 ? 7.687   -3.378  10.956  1.00 36.43 ? 46  LYS A CE  1 
ATOM   216 N NZ  . LYS A 1 39 ? 9.099   -2.874  10.779  1.00 39.95 ? 46  LYS A NZ  1 
ATOM   217 N N   . GLY A 1 40 ? 2.810   -5.463  11.849  1.00 22.25 ? 47  GLY A N   1 
ATOM   218 C CA  . GLY A 1 40 ? 2.448   -5.589  13.255  1.00 22.84 ? 47  GLY A CA  1 
ATOM   219 C C   . GLY A 1 40 ? 1.006   -5.229  13.556  1.00 22.73 ? 47  GLY A C   1 
ATOM   220 O O   . GLY A 1 40 ? 0.636   -5.146  14.739  1.00 22.04 ? 47  GLY A O   1 
ATOM   221 N N   . TYR A 1 41 ? 0.141   -5.044  12.556  1.00 21.80 ? 48  TYR A N   1 
ATOM   222 C CA  . TYR A 1 41 ? -1.297  -4.793  12.756  1.00 22.37 ? 48  TYR A CA  1 
ATOM   223 C C   . TYR A 1 41 ? -2.090  -5.951  12.166  1.00 22.14 ? 48  TYR A C   1 
ATOM   224 O O   . TYR A 1 41 ? -1.629  -6.580  11.161  1.00 22.75 ? 48  TYR A O   1 
ATOM   225 C CB  . TYR A 1 41 ? -1.733  -3.495  12.082  1.00 22.01 ? 48  TYR A CB  1 
ATOM   226 C CG  . TYR A 1 41 ? -1.235  -2.281  12.769  1.00 21.71 ? 48  TYR A CG  1 
ATOM   227 C CD1 . TYR A 1 41 ? 0.051   -1.821  12.592  1.00 21.78 ? 48  TYR A CD1 1 
ATOM   228 C CD2 . TYR A 1 41 ? -2.082  -1.557  13.614  1.00 20.81 ? 48  TYR A CD2 1 
ATOM   229 C CE1 . TYR A 1 41 ? 0.485   -0.659  13.230  1.00 23.40 ? 48  TYR A CE1 1 
ATOM   230 C CE2 . TYR A 1 41 ? -1.659  -0.426  14.278  1.00 19.75 ? 48  TYR A CE2 1 
ATOM   231 C CZ  . TYR A 1 41 ? -0.372  0.028   14.100  1.00 21.19 ? 48  TYR A CZ  1 
ATOM   232 O OH  . TYR A 1 41 ? 0.119   1.147   14.730  1.00 24.42 ? 48  TYR A OH  1 
ATOM   233 N N   . PRO A 1 42 ? -3.275  -6.258  12.690  1.00 22.53 ? 49  PRO A N   1 
ATOM   234 C CA  . PRO A 1 42 ? -4.076  -7.342  12.106  1.00 23.73 ? 49  PRO A CA  1 
ATOM   235 C C   . PRO A 1 42 ? -4.561  -7.046  10.674  1.00 23.63 ? 49  PRO A C   1 
ATOM   236 O O   . PRO A 1 42 ? -4.580  -5.870  10.246  1.00 23.44 ? 49  PRO A O   1 
ATOM   237 C CB  . PRO A 1 42 ? -5.274  -7.452  13.061  1.00 22.81 ? 49  PRO A CB  1 
ATOM   238 C CG  . PRO A 1 42 ? -4.879  -6.733  14.261  1.00 24.55 ? 49  PRO A CG  1 
ATOM   239 C CD  . PRO A 1 42 ? -3.934  -5.633  13.871  1.00 21.33 ? 49  PRO A CD  1 
ATOM   240 N N   . GLU A 1 43 ? -4.936  -8.087  9.940   1.00 24.85 ? 50  GLU A N   1 
ATOM   241 C CA  . GLU A 1 43 ? -5.527  -7.964  8.601   1.00 25.64 ? 50  GLU A CA  1 
ATOM   242 C C   . GLU A 1 43 ? -6.767  -7.076  8.622   1.00 24.52 ? 50  GLU A C   1 
ATOM   243 O O   . GLU A 1 43 ? -7.071  -6.390  7.649   1.00 25.15 ? 50  GLU A O   1 
ATOM   244 C CB  . GLU A 1 43 ? -5.889  -9.338  8.019   1.00 26.80 ? 50  GLU A CB  1 
ATOM   245 C CG  . GLU A 1 43 ? -4.725  -10.315 7.965   1.00 30.11 ? 50  GLU A CG  1 
ATOM   246 C CD  . GLU A 1 43 ? -3.867  -10.244 6.704   1.00 36.22 ? 50  GLU A CD  1 
ATOM   247 O OE1 . GLU A 1 43 ? -4.347  -9.821  5.614   1.00 41.17 ? 50  GLU A OE1 1 
ATOM   248 O OE2 . GLU A 1 43 ? -2.679  -10.648 6.806   1.00 40.03 ? 50  GLU A OE2 1 
ATOM   249 N N   . THR A 1 44 ? -7.502  -7.049  9.740   1.00 24.27 ? 51  THR A N   1 
ATOM   250 C CA  . THR A 1 44 ? -8.661  -6.167  9.823   1.00 24.89 ? 51  THR A CA  1 
ATOM   251 C C   . THR A 1 44 ? -8.302  -4.688  9.689   1.00 24.00 ? 51  THR A C   1 
ATOM   252 O O   . THR A 1 44 ? -9.168  -3.910  9.401   1.00 25.31 ? 51  THR A O   1 
ATOM   253 C CB  . THR A 1 44 ? -9.410  -6.355  11.144  1.00 26.30 ? 51  THR A CB  1 
ATOM   254 O OG1 . THR A 1 44 ? -8.489  -6.261  12.242  1.00 30.54 ? 51  THR A OG1 1 
ATOM   255 C CG2 . THR A 1 44 ? -10.008 -7.720  11.234  1.00 28.37 ? 51  THR A CG2 1 
ATOM   256 N N   . GLU A 1 45 ? -7.030  -4.337  9.906   1.00 23.12 ? 52  GLU A N   1 
ATOM   257 C CA  . GLU A 1 45 ? -6.552  -2.972  9.745   1.00 22.11 ? 52  GLU A CA  1 
ATOM   258 C C   . GLU A 1 45 ? -6.075  -2.604  8.324   1.00 21.15 ? 52  GLU A C   1 
ATOM   259 O O   . GLU A 1 45 ? -5.634  -1.472  8.089   1.00 21.82 ? 52  GLU A O   1 
ATOM   260 C CB  . GLU A 1 45 ? -5.465  -2.641  10.764  1.00 22.05 ? 52  GLU A CB  1 
ATOM   261 C CG  . GLU A 1 45 ? -5.978  -2.684  12.209  1.00 22.34 ? 52  GLU A CG  1 
ATOM   262 C CD  . GLU A 1 45 ? -6.915  -1.559  12.569  1.00 26.28 ? 52  GLU A CD  1 
ATOM   263 O OE1 . GLU A 1 45 ? -7.025  -0.558  11.815  1.00 27.43 ? 52  GLU A OE1 1 
ATOM   264 O OE2 . GLU A 1 45 ? -7.591  -1.724  13.623  1.00 27.01 ? 52  GLU A OE2 1 
ATOM   265 N N   . ASN A 1 46 ? -6.156  -3.563  7.407   1.00 21.43 ? 53  ASN A N   1 
ATOM   266 C CA  . ASN A 1 46 ? -5.751  -3.321  6.018   1.00 20.81 ? 53  ASN A CA  1 
ATOM   267 C C   . ASN A 1 46 ? -6.566  -2.181  5.448   1.00 21.45 ? 53  ASN A C   1 
ATOM   268 O O   . ASN A 1 46 ? -7.750  -2.089  5.694   1.00 23.20 ? 53  ASN A O   1 
ATOM   269 C CB  . ASN A 1 46 ? -5.954  -4.557  5.149   1.00 20.91 ? 53  ASN A CB  1 
ATOM   270 C CG  . ASN A 1 46 ? -5.051  -5.718  5.520   1.00 20.93 ? 53  ASN A CG  1 
ATOM   271 O OD1 . ASN A 1 46 ? -4.157  -5.610  6.367   1.00 19.83 ? 53  ASN A OD1 1 
ATOM   272 N ND2 . ASN A 1 46 ? -5.282  -6.871  4.870   1.00 26.05 ? 53  ASN A ND2 1 
ATOM   273 N N   . THR A 1 47 ? -5.922  -1.299  4.702   1.00 20.47 ? 54  THR A N   1 
ATOM   274 C CA  . THR A 1 47 ? -6.577  -0.148  4.105   1.00 20.53 ? 54  THR A CA  1 
ATOM   275 C C   . THR A 1 47 ? -6.061  0.130   2.709   1.00 21.04 ? 54  THR A C   1 
ATOM   276 O O   . THR A 1 47 ? -4.939  -0.173  2.371   1.00 21.09 ? 54  THR A O   1 
ATOM   277 C CB  . THR A 1 47 ? -6.362  1.123   4.931   1.00 20.38 ? 54  THR A CB  1 
ATOM   278 O OG1 . THR A 1 47 ? -4.948  1.387   5.097   1.00 20.92 ? 54  THR A OG1 1 
ATOM   279 C CG2 . THR A 1 47 ? -6.967  0.985   6.317   1.00 22.23 ? 54  THR A CG2 1 
ATOM   280 N N   . TRP A 1 48 ? -6.933  0.723   1.911   1.00 18.83 ? 55  TRP A N   1 
ATOM   281 C CA  . TRP A 1 48 ? -6.579  1.292   0.630   1.00 18.94 ? 55  TRP A CA  1 
ATOM   282 C C   . TRP A 1 48 ? -6.019  2.704   0.827   1.00 18.61 ? 55  TRP A C   1 
ATOM   283 O O   . TRP A 1 48 ? -6.602  3.627   1.467   1.00 21.44 ? 55  TRP A O   1 
ATOM   284 C CB  . TRP A 1 48 ? -7.838  1.384   -0.257  1.00 18.91 ? 55  TRP A CB  1 
ATOM   285 C CG  . TRP A 1 48 ? -8.357  0.074   -0.746  1.00 18.22 ? 55  TRP A CG  1 
ATOM   286 C CD1 . TRP A 1 48 ? -9.408  -0.625  -0.239  1.00 23.90 ? 55  TRP A CD1 1 
ATOM   287 C CD2 . TRP A 1 48 ? -7.885  -0.666  -1.864  1.00 17.82 ? 55  TRP A CD2 1 
ATOM   288 N NE1 . TRP A 1 48 ? -9.616  -1.765  -0.975  1.00 23.96 ? 55  TRP A NE1 1 
ATOM   289 C CE2 . TRP A 1 48 ? -8.694  -1.816  -1.983  1.00 19.99 ? 55  TRP A CE2 1 
ATOM   290 C CE3 . TRP A 1 48 ? -6.867  -0.462  -2.805  1.00 19.16 ? 55  TRP A CE3 1 
ATOM   291 C CZ2 . TRP A 1 48 ? -8.497  -2.776  -2.984  1.00 20.53 ? 55  TRP A CZ2 1 
ATOM   292 C CZ3 . TRP A 1 48 ? -6.679  -1.412  -3.809  1.00 20.52 ? 55  TRP A CZ3 1 
ATOM   293 C CH2 . TRP A 1 48 ? -7.483  -2.568  -3.875  1.00 20.53 ? 55  TRP A CH2 1 
ATOM   294 N N   . GLU A 1 49 ? -4.835  2.912   0.251   1.00 18.59 ? 56  GLU A N   1 
ATOM   295 C CA  . GLU A 1 49 ? -4.183  4.195   0.343   1.00 18.65 ? 56  GLU A CA  1 
ATOM   296 C C   . GLU A 1 49 ? -3.785  4.664   -1.026  1.00 20.22 ? 56  GLU A C   1 
ATOM   297 O O   . GLU A 1 49 ? -3.296  3.904   -1.847  1.00 20.26 ? 56  GLU A O   1 
ATOM   298 C CB  . GLU A 1 49 ? -2.934  4.104   1.231   1.00 18.41 ? 56  GLU A CB  1 
ATOM   299 C CG  . GLU A 1 49 ? -3.158  3.546   2.641   1.00 17.94 ? 56  GLU A CG  1 
ATOM   300 C CD  . GLU A 1 49 ? -4.062  4.436   3.493   1.00 19.90 ? 56  GLU A CD  1 
ATOM   301 O OE1 . GLU A 1 49 ? -4.168  5.655   3.144   1.00 23.11 ? 56  GLU A OE1 1 
ATOM   302 O OE2 . GLU A 1 49 ? -4.590  3.963   4.521   1.00 22.16 ? 56  GLU A OE2 1 
ATOM   303 N N   . PRO A 1 50 ? -3.928  5.961   -1.281  1.00 19.75 ? 57  PRO A N   1 
ATOM   304 C CA  . PRO A 1 50 ? -3.482  6.486   -2.562  1.00 21.11 ? 57  PRO A CA  1 
ATOM   305 C C   . PRO A 1 50 ? -1.977  6.353   -2.752  1.00 20.17 ? 57  PRO A C   1 
ATOM   306 O O   . PRO A 1 50 ? -1.242  6.426   -1.782  1.00 19.72 ? 57  PRO A O   1 
ATOM   307 C CB  . PRO A 1 50 ? -3.945  7.945   -2.477  1.00 21.90 ? 57  PRO A CB  1 
ATOM   308 C CG  . PRO A 1 50 ? -3.928  8.248   -1.110  1.00 23.00 ? 57  PRO A CG  1 
ATOM   309 C CD  . PRO A 1 50 ? -4.404  7.030   -0.386  1.00 21.56 ? 57  PRO A CD  1 
ATOM   310 N N   . GLU A 1 51 ? -1.522  6.133   -3.967  1.00 21.67 ? 58  GLU A N   1 
ATOM   311 C CA  . GLU A 1 51 ? -0.094  5.848   -4.192  1.00 22.22 ? 58  GLU A CA  1 
ATOM   312 C C   . GLU A 1 51 ? 0.838   6.916   -3.607  1.00 22.28 ? 58  GLU A C   1 
ATOM   313 O O   . GLU A 1 51 ? 1.913   6.566   -3.161  1.00 22.87 ? 58  GLU A O   1 
ATOM   314 C CB  . GLU A 1 51 ? 0.232   5.622   -5.656  1.00 23.00 ? 58  GLU A CB  1 
ATOM   315 C CG  . GLU A 1 51 ? -0.188  6.769   -6.542  1.00 26.03 ? 58  GLU A CG  1 
ATOM   316 C CD  . GLU A 1 51 ? 0.290   6.617   -7.973  1.00 31.10 ? 58  GLU A CD  1 
ATOM   317 O OE1 . GLU A 1 51 ? 1.063   5.676   -8.277  1.00 36.87 ? 58  GLU A OE1 1 
ATOM   318 O OE2 . GLU A 1 51 ? -0.124  7.472   -8.790  1.00 37.23 ? 58  GLU A OE2 1 
ATOM   319 N N   . ASN A 1 52 ? 0.408   8.179   -3.591  1.00 23.51 ? 59  ASN A N   1 
ATOM   320 C CA  . ASN A 1 52 ? 1.259   9.224   -3.049  1.00 24.54 ? 59  ASN A CA  1 
ATOM   321 C C   . ASN A 1 52 ? 1.474   9.186   -1.548  1.00 22.25 ? 59  ASN A C   1 
ATOM   322 O O   . ASN A 1 52 ? 2.336   9.886   -1.039  1.00 22.14 ? 59  ASN A O   1 
ATOM   323 C CB  . ASN A 1 52 ? 0.764   10.586  -3.468  1.00 25.62 ? 59  ASN A CB  1 
ATOM   324 C CG  . ASN A 1 52 ? 1.192   10.941  -4.851  1.00 30.05 ? 59  ASN A CG  1 
ATOM   325 O OD1 . ASN A 1 52 ? 0.436   11.590  -5.586  1.00 39.10 ? 59  ASN A OD1 1 
ATOM   326 N ND2 . ASN A 1 52 ? 2.434   10.590  -5.218  1.00 34.47 ? 59  ASN A ND2 1 
ATOM   327 N N   . ASN A 1 53 ? 0.688   8.394   -0.840  1.00 19.15 ? 60  ASN A N   1 
ATOM   328 C CA  . ASN A 1 53 ? 0.861   8.166   0.584   1.00 18.88 ? 60  ASN A CA  1 
ATOM   329 C C   . ASN A 1 53 ? 1.993   7.153   0.907   1.00 19.12 ? 60  ASN A C   1 
ATOM   330 O O   . ASN A 1 53 ? 2.429   7.115   2.006   1.00 19.87 ? 60  ASN A O   1 
ATOM   331 C CB  . ASN A 1 53 ? -0.443  7.639   1.208   1.00 19.05 ? 60  ASN A CB  1 
ATOM   332 C CG  . ASN A 1 53 ? -1.378  8.708   1.618   1.00 21.01 ? 60  ASN A CG  1 
ATOM   333 O OD1 . ASN A 1 53 ? -1.265  9.823   1.145   1.00 26.50 ? 60  ASN A OD1 1 
ATOM   334 N ND2 . ASN A 1 53 ? -2.369  8.356   2.418   1.00 25.11 ? 60  ASN A ND2 1 
ATOM   335 N N   . LEU A 1 54 ? 2.439   6.380   -0.073  1.00 21.55 ? 61  LEU A N   1 
ATOM   336 C CA  . LEU A 1 54 ? 3.472   5.377   0.129   1.00 22.32 ? 61  LEU A CA  1 
ATOM   337 C C   . LEU A 1 54 ? 4.881   5.907   -0.084  1.00 22.68 ? 61  LEU A C   1 
ATOM   338 O O   . LEU A 1 54 ? 5.161   6.617   -1.039  1.00 22.13 ? 61  LEU A O   1 
ATOM   339 C CB  . LEU A 1 54 ? 3.270   4.201   -0.837  1.00 22.08 ? 61  LEU A CB  1 
ATOM   340 C CG  . LEU A 1 54 ? 2.179   3.193   -0.419  1.00 20.32 ? 61  LEU A CG  1 
ATOM   341 C CD1 . LEU A 1 54 ? 0.813   3.808   -0.439  1.00 20.45 ? 61  LEU A CD1 1 
ATOM   342 C CD2 . LEU A 1 54 ? 2.207   2.008   -1.361  1.00 19.76 ? 61  LEU A CD2 1 
ATOM   343 N N   . ASP A 1 55 ? 5.774   5.441   0.781   1.00 24.01 ? 62  ASP A N   1 
ATOM   344 C CA  . ASP A 1 55 ? 7.202   5.535   0.581   1.00 24.69 ? 62  ASP A CA  1 
ATOM   345 C C   . ASP A 1 55 ? 7.687   4.088   0.627   1.00 24.06 ? 62  ASP A C   1 
ATOM   346 O O   . ASP A 1 55 ? 8.328   3.653   1.599   1.00 25.26 ? 62  ASP A O   1 
ATOM   347 C CB  . ASP A 1 55 ? 7.827   6.383   1.669   1.00 25.06 ? 62  ASP A CB  1 
ATOM   348 C CG  . ASP A 1 55 ? 9.280   6.747   1.366   1.00 28.12 ? 62  ASP A CG  1 
ATOM   349 O OD1 . ASP A 1 55 ? 9.883   7.435   2.227   1.00 34.15 ? 62  ASP A OD1 1 
ATOM   350 O OD2 . ASP A 1 55 ? 9.858   6.382   0.319   1.00 29.46 ? 62  ASP A OD2 1 
ATOM   351 N N   . CYS A 1 56 ? 7.293   3.327   -0.383  1.00 25.18 ? 63  CYS A N   1 
ATOM   352 C CA  . CYS A 1 56 ? 7.770   1.932   -0.512  1.00 25.86 ? 63  CYS A CA  1 
ATOM   353 C C   . CYS A 1 56 ? 8.041   1.617   -1.950  1.00 26.29 ? 63  CYS A C   1 
ATOM   354 O O   . CYS A 1 56 ? 7.389   0.810   -2.589  1.00 25.65 ? 63  CYS A O   1 
ATOM   355 C CB  . CYS A 1 56 ? 6.871   0.826   0.122   1.00 26.91 ? 63  CYS A CB  1 
ATOM   356 S SG  . CYS A 1 56 ? 5.488   1.272   1.164   1.00 27.28 ? 63  CYS A SG  1 
ATOM   357 N N   . GLN A 1 57 ? 9.066   2.264   -2.458  1.00 27.60 ? 64  GLN A N   1 
ATOM   358 C CA  . GLN A 1 57 ? 9.460   2.022   -3.809  1.00 28.80 ? 64  GLN A CA  1 
ATOM   359 C C   . GLN A 1 57 ? 9.726   0.541   -4.118  1.00 26.29 ? 64  GLN A C   1 
ATOM   360 O O   . GLN A 1 57 ? 9.328   0.052   -5.179  1.00 26.88 ? 64  GLN A O   1 
ATOM   361 C CB  . GLN A 1 57 ? 10.718  2.850   -4.085  1.00 30.48 ? 64  GLN A CB  1 
ATOM   362 C CG  . GLN A 1 57 ? 11.215  2.715   -5.499  1.00 32.71 ? 64  GLN A CG  1 
ATOM   363 C CD  . GLN A 1 57 ? 10.174  3.179   -6.514  0.50 33.68 ? 64  GLN A CD  1 
ATOM   364 O OE1 . GLN A 1 57 ? 10.170  4.344   -6.901  0.50 37.97 ? 64  GLN A OE1 1 
ATOM   365 N NE2 . GLN A 1 57 ? 9.272   2.283   -6.915  0.50 30.51 ? 64  GLN A NE2 1 
ATOM   366 N N   . ASP A 1 58 ? 10.385  -0.155  -3.195  1.00 26.02 ? 65  ASP A N   1 
ATOM   367 C CA  . ASP A 1 58 ? 10.784  -1.505  -3.474  1.00 26.15 ? 65  ASP A CA  1 
ATOM   368 C C   . ASP A 1 58 ? 9.559   -2.398  -3.553  1.00 23.84 ? 65  ASP A C   1 
ATOM   369 O O   . ASP A 1 58 ? 9.464   -3.239  -4.441  1.00 25.33 ? 65  ASP A O   1 
ATOM   370 C CB  . ASP A 1 58 ? 11.776  -1.984  -2.443  1.00 27.77 ? 65  ASP A CB  1 
ATOM   371 C CG  . ASP A 1 58 ? 13.183  -1.499  -2.744  1.00 32.34 ? 65  ASP A CG  1 
ATOM   372 O OD1 . ASP A 1 58 ? 13.511  -0.350  -2.390  1.00 41.73 ? 65  ASP A OD1 1 
ATOM   373 O OD2 . ASP A 1 58 ? 14.020  -2.188  -3.362  1.00 39.86 ? 65  ASP A OD2 1 
ATOM   374 N N   . LEU A 1 59 ? 8.596   -2.169  -2.664  1.00 23.13 ? 66  LEU A N   1 
ATOM   375 C CA  . LEU A 1 59 ? 7.394   -2.968  -2.691  1.00 20.89 ? 66  LEU A CA  1 
ATOM   376 C C   . LEU A 1 59 ? 6.529   -2.680  -3.929  1.00 21.10 ? 66  LEU A C   1 
ATOM   377 O O   . LEU A 1 59 ? 5.958   -3.608  -4.484  1.00 20.47 ? 66  LEU A O   1 
ATOM   378 C CB  . LEU A 1 59 ? 6.548   -2.779  -1.418  1.00 21.62 ? 66  LEU A CB  1 
ATOM   379 C CG  . LEU A 1 59 ? 7.124   -3.240  -0.097  1.00 22.60 ? 66  LEU A CG  1 
ATOM   380 C CD1 . LEU A 1 59 ? 6.089   -2.959  0.949   1.00 21.99 ? 66  LEU A CD1 1 
ATOM   381 C CD2 . LEU A 1 59 ? 7.422   -4.737  -0.163  1.00 23.79 ? 66  LEU A CD2 1 
ATOM   382 N N   . ILE A 1 60 ? 6.398   -1.389  -4.288  1.00 21.62 ? 67  ILE A N   1 
ATOM   383 C CA  . ILE A 1 60 ? 5.625   -1.036  -5.449  1.00 22.43 ? 67  ILE A CA  1 
ATOM   384 C C   . ILE A 1 60 ? 6.247   -1.702  -6.689  1.00 23.08 ? 67  ILE A C   1 
ATOM   385 O O   . ILE A 1 60 ? 5.540   -2.319  -7.448  1.00 23.86 ? 67  ILE A O   1 
ATOM   386 C CB  . ILE A 1 60 ? 5.491   0.489   -5.586  1.00 22.71 ? 67  ILE A CB  1 
ATOM   387 C CG1 . ILE A 1 60 ? 4.600   1.041   -4.470  1.00 23.87 ? 67  ILE A CG1 1 
ATOM   388 C CG2 . ILE A 1 60 ? 4.928   0.814   -6.982  1.00 24.05 ? 67  ILE A CG2 1 
ATOM   389 C CD1 . ILE A 1 60 ? 4.703   2.534   -4.327  1.00 22.36 ? 67  ILE A CD1 1 
ATOM   390 N N   . GLN A 1 61 ? 7.559   -1.612  -6.865  1.00 23.20 ? 68  GLN A N   1 
ATOM   391 C CA  . GLN A 1 61 ? 8.183   -2.173  -8.052  1.00 24.58 ? 68  GLN A CA  1 
ATOM   392 C C   . GLN A 1 61 ? 8.070   -3.675  -8.069  1.00 25.00 ? 68  GLN A C   1 
ATOM   393 O O   . GLN A 1 61 ? 7.887   -4.297  -9.126  1.00 25.43 ? 68  GLN A O   1 
ATOM   394 C CB  . GLN A 1 61 ? 9.660   -1.711  -8.134  1.00 25.86 ? 68  GLN A CB  1 
ATOM   395 C CG  . GLN A 1 61 ? 10.456  -2.164  -9.389  1.00 28.71 ? 68  GLN A CG  1 
ATOM   396 C CD  . GLN A 1 61 ? 11.935  -1.738  -9.383  0.50 28.97 ? 68  GLN A CD  1 
ATOM   397 O OE1 . GLN A 1 61 ? 12.638  -1.898  -10.398 0.50 27.38 ? 68  GLN A OE1 1 
ATOM   398 N NE2 . GLN A 1 61 ? 12.406  -1.214  -8.257  0.50 32.59 ? 68  GLN A NE2 1 
ATOM   399 N N   . GLN A 1 62 ? 8.170   -4.301  -6.905  1.00 22.97 ? 69  GLN A N   1 
ATOM   400 C CA  . GLN A 1 62 ? 8.054   -5.727  -6.818  1.00 24.22 ? 69  GLN A CA  1 
ATOM   401 C C   . GLN A 1 62 ? 6.636   -6.171  -7.095  1.00 25.82 ? 69  GLN A C   1 
ATOM   402 O O   . GLN A 1 62 ? 6.431   -7.260  -7.648  1.00 27.43 ? 69  GLN A O   1 
ATOM   403 C CB  . GLN A 1 62 ? 8.440   -6.261  -5.447  1.00 23.73 ? 69  GLN A CB  1 
ATOM   404 C CG  . GLN A 1 62 ? 8.328   -7.763  -5.408  1.00 21.54 ? 69  GLN A CG  1 
ATOM   405 C CD  . GLN A 1 62 ? 9.262   -8.442  -6.408  1.00 23.51 ? 69  GLN A CD  1 
ATOM   406 O OE1 . GLN A 1 62 ? 8.799   -9.009  -7.407  1.00 25.89 ? 69  GLN A OE1 1 
ATOM   407 N NE2 . GLN A 1 62 ? 10.529  -8.396  -6.129  1.00 19.09 ? 69  GLN A NE2 1 
ATOM   408 N N   . TYR A 1 63 ? 5.656   -5.344  -6.720  1.00 26.18 ? 70  TYR A N   1 
ATOM   409 C CA  . TYR A 1 63 ? 4.262   -5.680  -6.934  1.00 26.89 ? 70  TYR A CA  1 
ATOM   410 C C   . TYR A 1 63 ? 3.967   -5.519  -8.431  1.00 29.17 ? 70  TYR A C   1 
ATOM   411 O O   . TYR A 1 63 ? 3.470   -6.455  -9.040  1.00 30.85 ? 70  TYR A O   1 
ATOM   412 C CB  . TYR A 1 63 ? 3.309   -4.777  -6.106  1.00 25.58 ? 70  TYR A CB  1 
ATOM   413 C CG  . TYR A 1 63 ? 1.845   -5.098  -6.375  1.00 25.31 ? 70  TYR A CG  1 
ATOM   414 C CD1 . TYR A 1 63 ? 1.153   -4.477  -7.417  1.00 24.86 ? 70  TYR A CD1 1 
ATOM   415 C CD2 . TYR A 1 63 ? 1.194   -6.034  -5.625  1.00 25.01 ? 70  TYR A CD2 1 
ATOM   416 C CE1 . TYR A 1 63 ? -0.183  -4.801  -7.676  1.00 26.29 ? 70  TYR A CE1 1 
ATOM   417 C CE2 . TYR A 1 63 ? -0.144  -6.346  -5.864  1.00 25.08 ? 70  TYR A CE2 1 
ATOM   418 C CZ  . TYR A 1 63 ? -0.804  -5.738  -6.904  1.00 28.24 ? 70  TYR A CZ  1 
ATOM   419 O OH  . TYR A 1 63 ? -2.130  -6.073  -7.119  1.00 31.09 ? 70  TYR A OH  1 
ATOM   420 N N   . GLU A 1 64 ? 4.357   -4.367  -8.968  1.00 32.34 ? 71  GLU A N   1 
ATOM   421 C CA  . GLU A 1 64 ? 4.058   -3.946  -10.354 1.00 34.29 ? 71  GLU A CA  1 
ATOM   422 C C   . GLU A 1 64 ? 4.780   -4.774  -11.404 1.00 36.70 ? 71  GLU A C   1 
ATOM   423 O O   . GLU A 1 64 ? 4.268   -4.924  -12.517 1.00 37.95 ? 71  GLU A O   1 
ATOM   424 C CB  . GLU A 1 64 ? 4.342   -2.447  -10.579 1.00 34.40 ? 71  GLU A CB  1 
ATOM   425 C CG  . GLU A 1 64 ? 3.446   -1.505  -9.779  1.00 34.92 ? 71  GLU A CG  1 
ATOM   426 C CD  . GLU A 1 64 ? 2.026   -1.379  -10.315 1.00 35.89 ? 71  GLU A CD  1 
ATOM   427 O OE1 . GLU A 1 64 ? 1.736   -1.821  -11.447 1.00 39.74 ? 71  GLU A OE1 1 
ATOM   428 O OE2 . GLU A 1 64 ? 1.190   -0.797  -9.591  1.00 32.95 ? 71  GLU A OE2 1 
ATOM   429 N N   . ALA A 1 65 ? 5.944   -5.321  -11.047 1.00 39.31 ? 72  ALA A N   1 
ATOM   430 C CA  . ALA A 1 65 ? 6.699   -6.239  -11.895 1.00 40.98 ? 72  ALA A CA  1 
ATOM   431 C C   . ALA A 1 65 ? 6.093   -7.649  -11.908 1.00 42.16 ? 72  ALA A C   1 
ATOM   432 O O   . ALA A 1 65 ? 6.019   -8.267  -12.979 1.00 43.13 ? 72  ALA A O   1 
ATOM   433 C CB  . ALA A 1 65 ? 8.177   -6.299  -11.447 1.00 41.21 ? 72  ALA A CB  1 
ATOM   434 N N   . SER A 1 66 ? 5.627   -8.129  -10.751 1.00 43.49 ? 73  SER A N   1 
ATOM   435 C CA  . SER A 1 66 ? 5.176   -9.518  -10.576 1.00 43.98 ? 73  SER A CA  1 
ATOM   436 C C   . SER A 1 66 ? 3.655   -9.762  -10.757 1.00 44.27 ? 73  SER A C   1 
ATOM   437 O O   . SER A 1 66 ? 3.199   -10.907 -10.742 1.00 43.48 ? 73  SER A O   1 
ATOM   438 C CB  . SER A 1 66 ? 5.595   -10.026 -9.193  1.00 44.14 ? 73  SER A CB  1 
ATOM   439 O OG  . SER A 1 66 ? 4.492   -10.066 -8.290  1.00 45.99 ? 73  SER A OG  1 
ATOM   440 N N   . ARG A 1 67 ? 2.886   -8.691  -10.908 1.00 45.22 ? 74  ARG A N   1 
ATOM   441 C CA  . ARG A 1 67 ? 1.425   -8.788  -10.987 1.00 46.47 ? 74  ARG A CA  1 
ATOM   442 C C   . ARG A 1 67 ? 1.005   -9.243  -12.370 1.00 46.85 ? 74  ARG A C   1 
ATOM   443 O O   . ARG A 1 67 ? -0.170  -9.520  -12.608 1.00 48.32 ? 74  ARG A O   1 
ATOM   444 C CB  . ARG A 1 67 ? 0.750   -7.447  -10.650 1.00 46.58 ? 74  ARG A CB  1 
ATOM   445 C CG  . ARG A 1 67 ? 1.111   -6.300  -11.597 1.00 48.34 ? 74  ARG A CG  1 
ATOM   446 C CD  . ARG A 1 67 ? 0.347   -5.005  -11.361 1.00 51.08 ? 74  ARG A CD  1 
ATOM   447 N NE  . ARG A 1 67 ? -0.921  -5.000  -12.086 1.00 53.52 ? 74  ARG A NE  1 
ATOM   448 C CZ  . ARG A 1 67 ? -1.558  -3.912  -12.510 1.00 54.98 ? 74  ARG A CZ  1 
ATOM   449 N NH1 . ARG A 1 67 ? -1.060  -2.703  -12.292 1.00 56.41 ? 74  ARG A NH1 1 
ATOM   450 N NH2 . ARG A 1 67 ? -2.707  -4.032  -13.162 1.00 55.84 ? 74  ARG A NH2 1 
ATOM   451 N N   . GLN B 2 5  ? 10.244  1.950   3.977   1.00 30.21 ? 5   GLN P N   1 
ATOM   452 C CA  . GLN B 2 5  ? 9.046   1.070   3.653   1.00 27.48 ? 5   GLN P CA  1 
ATOM   453 C C   . GLN B 2 5  ? 7.835   1.428   4.539   1.00 26.10 ? 5   GLN P C   1 
ATOM   454 O O   . GLN B 2 5  ? 7.376   0.648   5.394   1.00 22.69 ? 5   GLN P O   1 
ATOM   455 C CB  . GLN B 2 5  ? 9.391   -0.395  3.825   1.00 29.48 ? 5   GLN P CB  1 
ATOM   456 C CG  . GLN B 2 5  ? 8.352   -1.314  3.274   1.00 31.55 ? 5   GLN P CG  1 
ATOM   457 C CD  . GLN B 2 5  ? 8.864   -2.731  3.122   1.00 36.49 ? 5   GLN P CD  1 
ATOM   458 O OE1 . GLN B 2 5  ? 8.455   -3.646  3.867   1.00 38.63 ? 5   GLN P OE1 1 
ATOM   459 N NE2 . GLN B 2 5  ? 9.780   -2.921  2.176   1.00 37.03 ? 5   GLN P NE2 1 
ATOM   460 N N   . THR B 2 6  ? 7.334   2.645   4.344   1.00 24.11 ? 6   THR P N   1 
ATOM   461 C CA  . THR B 2 6  ? 6.268   3.193   5.141   1.00 24.52 ? 6   THR P CA  1 
ATOM   462 C C   . THR B 2 6  ? 5.209   3.796   4.240   1.00 23.91 ? 6   THR P C   1 
ATOM   463 O O   . THR B 2 6  ? 5.394   3.946   3.028   1.00 24.50 ? 6   THR P O   1 
ATOM   464 C CB  . THR B 2 6  ? 6.766   4.337   6.052   1.00 24.31 ? 6   THR P CB  1 
ATOM   465 O OG1 . THR B 2 6  ? 7.361   5.373   5.266   1.00 27.79 ? 6   THR P OG1 1 
ATOM   466 C CG2 . THR B 2 6  ? 7.888   3.894   6.965   1.00 26.32 ? 6   THR P CG2 1 
ATOM   467 N N   . ALA B 2 7  ? 4.099   4.147   4.868   1.00 22.62 ? 7   ALA P N   1 
ATOM   468 C CA  . ALA B 2 7  ? 3.020   4.892   4.212   1.00 21.69 ? 7   ALA P CA  1 
ATOM   469 C C   . ALA B 2 7  ? 2.261   5.720   5.242   1.00 23.22 ? 7   ALA P C   1 
ATOM   470 O O   . ALA B 2 7  ? 2.149   5.371   6.433   1.00 24.37 ? 7   ALA P O   1 
ATOM   471 C CB  . ALA B 2 7  ? 2.054   3.939   3.527   1.00 20.20 ? 7   ALA P CB  1 
ATOM   472 N N   . ARG B 2 8  ? 1.711   6.832   4.768   1.00 23.32 ? 8   ARG P N   1 
ATOM   473 C CA  . ARG B 2 8  ? 0.713   7.609   5.457   1.00 24.56 ? 8   ARG P CA  1 
ATOM   474 C C   . ARG B 2 8  ? -0.646  6.910   5.350   1.00 23.74 ? 8   ARG P C   1 
ATOM   475 O O   . ARG B 2 8  ? -0.994  6.354   4.320   1.00 23.95 ? 8   ARG P O   1 
ATOM   476 C CB  . ARG B 2 8  ? 0.669   8.975   4.785   1.00 25.05 ? 8   ARG P CB  1 
ATOM   477 C CG  . ARG B 2 8  ? -0.326  9.976   5.294   1.00 28.00 ? 8   ARG P CG  1 
ATOM   478 C CD  . ARG B 2 8  ? -0.184  11.250  4.525   1.00 31.47 ? 8   ARG P CD  1 
ATOM   479 N NE  . ARG B 2 8  ? -1.009  12.317  5.048   1.00 33.31 ? 8   ARG P NE  1 
ATOM   480 C CZ  . ARG B 2 8  ? -0.626  13.200  5.979   1.00 36.87 ? 8   ARG P CZ  1 
ATOM   481 N NH1 . ARG B 2 8  ? 0.591   13.171  6.517   1.00 40.50 ? 8   ARG P NH1 1 
ATOM   482 N NH2 . ARG B 2 8  ? -1.482  14.133  6.362   1.00 40.32 ? 8   ARG P NH2 1 
HETATM 483 N N   . MLZ B 2 9  ? -1.315  6.761   6.477   1.00 25.79 ? 9   MLZ P N   1 
HETATM 484 C CA  . MLZ B 2 9  ? -2.648  6.524   6.753   1.00 26.74 ? 9   MLZ P CA  1 
HETATM 485 C CB  . MLZ B 2 9  ? -2.764  5.473   7.830   1.00 25.70 ? 9   MLZ P CB  1 
HETATM 486 C CG  . MLZ B 2 9  ? -3.993  4.609   7.886   1.00 26.52 ? 9   MLZ P CG  1 
HETATM 487 C CD  . MLZ B 2 9  ? -4.004  3.889   9.238   1.00 26.22 ? 9   MLZ P CD  1 
HETATM 488 C CE  . MLZ B 2 9  ? -2.931  2.830   9.406   1.00 25.65 ? 9   MLZ P CE  1 
HETATM 489 N NZ  . MLZ B 2 9  ? -3.278  1.974   10.531  1.00 26.13 ? 9   MLZ P NZ  1 
HETATM 490 C CM  . MLZ B 2 9  ? -2.372  0.871   10.819  1.00 25.28 ? 9   MLZ P CM  1 
HETATM 491 C C   . MLZ B 2 9  ? -3.736  7.456   6.491   1.00 29.45 ? 9   MLZ P C   1 
HETATM 492 O O   . MLZ B 2 9  ? -3.769  8.319   7.328   1.00 29.84 ? 9   MLZ P O   1 
ATOM   493 N N   . SER B 2 10 ? -4.405  7.498   5.332   1.00 31.65 ? 10  SER P N   1 
ATOM   494 C CA  . SER B 2 10 ? -5.394  8.570   5.026   1.00 34.01 ? 10  SER P CA  1 
ATOM   495 C C   . SER B 2 10 ? -6.541  8.612   6.036   1.00 34.83 ? 10  SER P C   1 
ATOM   496 O O   . SER B 2 10 ? -6.902  7.566   6.545   1.00 36.01 ? 10  SER P O   1 
ATOM   497 C CB  . SER B 2 10 ? -5.941  8.424   3.600   1.00 34.95 ? 10  SER P CB  1 
ATOM   498 O OG  . SER B 2 10 ? -6.556  7.167   3.403   1.00 39.13 ? 10  SER P OG  1 
HETATM 499 O O   . HOH C 3 .  ? 1.897   -6.646  16.724  1.00 24.60 ? 77  HOH A O   1 
HETATM 500 O O   . HOH C 3 .  ? 6.931   5.025   -2.887  1.00 29.45 ? 78  HOH A O   1 
HETATM 501 O O   . HOH C 3 .  ? -2.982  -4.227  8.418   1.00 22.17 ? 79  HOH A O   1 
HETATM 502 O O   . HOH C 3 .  ? -5.658  0.560   9.732   1.00 26.08 ? 80  HOH A O   1 
HETATM 503 O O   . HOH C 3 .  ? -9.665  1.374   3.229   1.00 32.31 ? 81  HOH A O   1 
HETATM 504 O O   . HOH C 3 .  ? 1.684   -9.321  15.522  0.50 41.36 ? 82  HOH A O   1 
HETATM 505 O O   . HOH C 3 .  ? 9.536   -0.674  -0.083  1.00 31.53 ? 83  HOH A O   1 
HETATM 506 O O   . HOH C 3 .  ? -14.047 5.983   -8.687  1.00 31.34 ? 84  HOH A O   1 
HETATM 507 O O   . HOH C 3 .  ? -1.774  9.856   -4.123  1.00 41.28 ? 85  HOH A O   1 
HETATM 508 O O   . HOH C 3 .  ? -6.726  4.803   5.689   1.00 27.69 ? 86  HOH A O   1 
HETATM 509 O O   . HOH C 3 .  ? -4.530  -10.859 11.248  1.00 39.78 ? 87  HOH A O   1 
HETATM 510 O O   . HOH C 3 .  ? 2.922   -0.659  10.856  1.00 29.91 ? 88  HOH A O   1 
HETATM 511 O O   . HOH C 3 .  ? 11.566  -3.956  -6.213  1.00 29.64 ? 89  HOH A O   1 
HETATM 512 O O   . HOH C 3 .  ? -2.454  8.028   -9.102  1.00 36.92 ? 90  HOH A O   1 
HETATM 513 O O   . HOH C 3 .  ? -9.405  -1.511  7.901   1.00 34.47 ? 91  HOH A O   1 
HETATM 514 O O   . HOH C 3 .  ? 4.816   7.064   -3.844  1.00 29.19 ? 92  HOH A O   1 
HETATM 515 O O   . HOH C 3 .  ? -1.620  -11.247 -0.047  1.00 35.03 ? 93  HOH A O   1 
HETATM 516 O O   . HOH C 3 .  ? 4.460   1.241   12.156  1.00 31.21 ? 94  HOH A O   1 
HETATM 517 O O   . HOH C 3 .  ? 8.221   -10.111 -13.652 1.00 27.90 ? 95  HOH A O   1 
HETATM 518 O O   . HOH C 3 .  ? 4.490   -2.260  13.932  1.00 33.63 ? 96  HOH A O   1 
HETATM 519 O O   . HOH C 3 .  ? 2.785   1.797   14.912  1.00 34.95 ? 97  HOH A O   1 
HETATM 520 O O   . HOH C 3 .  ? -9.266  -0.620  -10.819 1.00 34.98 ? 98  HOH A O   1 
HETATM 521 O O   . HOH C 3 .  ? 3.349   -8.039  10.477  1.00 33.22 ? 99  HOH A O   1 
HETATM 522 O O   . HOH C 3 .  ? -2.928  -10.483 13.815  1.00 35.94 ? 100 HOH A O   1 
HETATM 523 O O   . HOH C 3 .  ? 0.311   -9.040  11.561  1.00 29.36 ? 101 HOH A O   1 
HETATM 524 O O   . HOH C 3 .  ? -2.975  -5.500  -9.631  1.00 39.95 ? 102 HOH A O   1 
HETATM 525 O O   . HOH C 3 .  ? -7.129  -8.550  3.367   1.00 49.10 ? 103 HOH A O   1 
HETATM 526 O O   . HOH C 3 .  ? 8.250   -2.712  -11.592 1.00 44.14 ? 104 HOH A O   1 
HETATM 527 O O   . HOH C 3 .  ? -4.325  0.747   -14.540 1.00 49.51 ? 105 HOH A O   1 
HETATM 528 O O   . HOH C 3 .  ? 6.115   9.203   6.520   1.00 44.60 ? 106 HOH A O   1 
HETATM 529 O O   . HOH C 3 .  ? -7.138  -10.378 11.446  1.00 40.94 ? 107 HOH A O   1 
HETATM 530 O O   . HOH C 3 .  ? -8.883  0.305   14.601  1.00 39.60 ? 108 HOH A O   1 
HETATM 531 O O   . HOH C 3 .  ? 2.318   3.076   -8.720  1.00 38.58 ? 109 HOH A O   1 
HETATM 532 O O   . HOH C 3 .  ? -11.136 5.750   -3.105  1.00 41.64 ? 110 HOH A O   1 
HETATM 533 O O   . HOH C 3 .  ? -11.907 -2.472  -4.104  1.00 38.54 ? 111 HOH A O   1 
HETATM 534 O O   . HOH C 3 .  ? -13.030 -0.157  -0.129  1.00 40.86 ? 112 HOH A O   1 
HETATM 535 O O   . HOH C 3 .  ? 3.593   -9.238  13.716  1.00 42.06 ? 113 HOH A O   1 
HETATM 536 O O   . HOH C 3 .  ? -8.277  4.058   3.438   1.00 41.13 ? 114 HOH A O   1 
HETATM 537 O O   . HOH C 3 .  ? -8.052  5.589   0.178   1.00 38.30 ? 115 HOH A O   1 
HETATM 538 O O   . HOH C 3 .  ? -3.268  8.840   -6.494  1.00 43.42 ? 116 HOH A O   1 
HETATM 539 O O   . HOH C 3 .  ? 7.488   -1.276  12.864  1.00 47.20 ? 117 HOH A O   1 
HETATM 540 O O   . HOH C 3 .  ? -8.808  -4.169  -7.028  1.00 44.05 ? 118 HOH A O   1 
HETATM 541 O O   . HOH C 3 .  ? -15.310 5.947   -6.332  1.00 43.13 ? 119 HOH A O   1 
HETATM 542 O O   . HOH C 3 .  ? 9.312   6.539   -2.262  1.00 47.41 ? 120 HOH A O   1 
HETATM 543 O O   . HOH C 3 .  ? -5.359  -4.480  -10.248 1.00 52.42 ? 121 HOH A O   1 
HETATM 544 O O   . HOH C 3 .  ? 7.756   7.390   8.541   1.00 51.84 ? 122 HOH A O   1 
HETATM 545 O O   . HOH C 3 .  ? -3.623  10.682  3.203   1.00 44.44 ? 123 HOH A O   1 
HETATM 546 O O   . HOH C 3 .  ? 8.059   -2.160  7.119   1.00 44.75 ? 124 HOH A O   1 
HETATM 547 O O   . HOH C 3 .  ? -3.065  11.860  0.274   1.00 38.27 ? 125 HOH A O   1 
HETATM 548 O O   . HOH C 3 .  ? 5.946   -6.851  13.754  1.00 47.30 ? 126 HOH A O   1 
HETATM 549 O O   . HOH C 3 .  ? -5.810  12.026  3.858   1.00 52.97 ? 127 HOH A O   1 
HETATM 550 O O   . HOH C 3 .  ? 2.426   -12.557 3.234   1.00 44.94 ? 128 HOH A O   1 
HETATM 551 O O   . HOH C 3 .  ? 12.051  7.445   -0.770  1.00 50.38 ? 129 HOH A O   1 
HETATM 552 O O   . HOH C 3 .  ? -14.413 2.472   -3.804  1.00 48.27 ? 130 HOH A O   1 
HETATM 553 O O   . HOH C 3 .  ? -5.895  -9.209  -3.941  1.00 53.21 ? 131 HOH A O   1 
HETATM 554 O O   . HOH C 3 .  ? -11.463 2.354   1.199   1.00 42.52 ? 132 HOH A O   1 
HETATM 555 O O   . HOH C 3 .  ? 11.266  1.152   0.134   1.00 51.95 ? 133 HOH A O   1 
HETATM 556 O O   . HOH C 3 .  ? 4.887   2.575   -10.303 1.00 45.33 ? 134 HOH A O   1 
HETATM 557 O O   . HOH C 3 .  ? 5.398   7.170   7.851   1.00 47.28 ? 135 HOH A O   1 
HETATM 558 O O   . HOH C 3 .  ? 3.055   -13.943 -11.267 1.00 56.57 ? 136 HOH A O   1 
HETATM 559 O O   . HOH C 3 .  ? 5.675   -4.551  15.017  1.00 40.82 ? 137 HOH A O   1 
HETATM 560 O O   . HOH C 3 .  ? 14.280  -1.978  -5.736  1.00 41.89 ? 138 HOH A O   1 
HETATM 561 O O   . HOH C 3 .  ? 16.963  -1.663  -5.949  1.00 40.74 ? 139 HOH A O   1 
HETATM 562 O O   . HOH C 3 .  ? 13.584  -2.474  0.273   1.00 74.98 ? 140 HOH A O   1 
HETATM 563 O O   . HOH C 3 .  ? 1.161   2.420   -11.151 1.00 47.41 ? 141 HOH A O   1 
HETATM 564 O O   . HOH C 3 .  ? -7.857  -7.536  -2.223  1.00 44.96 ? 142 HOH A O   1 
HETATM 565 O O   . HOH C 3 .  ? 7.583   4.518   -5.653  1.00 36.34 ? 143 HOH A O   1 
HETATM 566 O O   . HOH C 3 .  ? -1.728  -12.748 13.314  1.00 41.32 ? 144 HOH A O   1 
HETATM 567 O O   . HOH C 3 .  ? -10.892 -3.103  -6.527  1.00 44.00 ? 145 HOH A O   1 
HETATM 568 O O   . HOH C 3 .  ? -3.353  -8.857  -6.088  1.00 49.34 ? 146 HOH A O   1 
HETATM 569 O O   . HOH C 3 .  ? 16.729  -1.827  -3.403  1.00 46.64 ? 147 HOH A O   1 
HETATM 570 O O   . HOH C 3 .  ? 7.929   -8.544  15.517  1.00 53.91 ? 148 HOH A O   1 
HETATM 571 O O   . HOH C 3 .  ? -1.286  -11.249 10.567  1.00 54.16 ? 149 HOH A O   1 
HETATM 572 O O   . HOH C 3 .  ? -9.321  8.274   -4.925  1.00 45.86 ? 150 HOH A O   1 
HETATM 573 O O   . HOH C 3 .  ? 11.926  0.942   -10.744 1.00 58.88 ? 151 HOH A O   1 
HETATM 574 O O   . HOH C 3 .  ? 4.714   -0.185  15.293  1.00 39.95 ? 152 HOH A O   1 
HETATM 575 O O   . HOH C 3 .  ? 11.017  3.621   0.002   1.00 39.59 ? 153 HOH A O   1 
HETATM 576 O O   . HOH C 3 .  ? -3.881  13.031  2.792   1.00 50.22 ? 154 HOH A O   1 
HETATM 577 O O   . HOH C 3 .  ? -9.781  -4.051  6.408   1.00 50.01 ? 155 HOH A O   1 
HETATM 578 O O   . HOH C 3 .  ? 3.696   -9.386  -14.780 1.00 46.55 ? 156 HOH A O   1 
HETATM 579 O O   . HOH C 3 .  ? -5.391  -3.793  -14.375 1.00 53.88 ? 157 HOH A O   1 
HETATM 580 O O   . HOH C 3 .  ? 0.020   7.964   8.752   1.00 32.41 ? 158 HOH A O   1 
HETATM 581 O O   . HOH C 3 .  ? 3.964   9.258   6.926   1.00 44.64 ? 159 HOH A O   1 
HETATM 582 O O   . HOH C 3 .  ? 3.254   -1.713  -3.405  1.00 45.70 ? 160 HOH A O   1 
HETATM 583 O O   . HOH C 3 .  ? -2.903  -7.755  -10.971 1.00 51.53 ? 161 HOH A O   1 
HETATM 584 O O   . HOH C 3 .  ? -13.142 10.353  -1.597  1.00 58.91 ? 162 HOH A O   1 
HETATM 585 O O   . HOH C 3 .  ? -8.081  -9.013  0.252   1.00 52.58 ? 163 HOH A O   1 
HETATM 586 O O   . HOH D 3 .  ? -3.914  3.417   12.825  1.00 31.96 ? 17  HOH P O   1 
HETATM 587 O O   . HOH D 3 .  ? 5.667   7.383   4.283   1.00 33.88 ? 18  HOH P O   1 
HETATM 588 O O   . HOH D 3 .  ? -7.720  4.595   8.114   1.00 42.75 ? 19  HOH P O   1 
HETATM 589 O O   . HOH D 3 .  ? -7.778  2.518   9.806   1.00 32.46 ? 20  HOH P O   1 
HETATM 590 O O   . HOH D 3 .  ? 9.493   -0.238  7.454   1.00 48.80 ? 21  HOH P O   1 
HETATM 591 O O   . HOH D 3 .  ? -9.757  9.705   6.593   1.00 59.79 ? 22  HOH P O   1 
HETATM 592 O O   . HOH D 3 .  ? -6.827  9.406   0.873   1.00 64.30 ? 23  HOH P O   1 
HETATM 593 O O   . HOH D 3 .  ? -9.916  6.408   3.189   1.00 48.02 ? 24  HOH P O   1 
# 
loop_
_pdbx_poly_seq_scheme.asym_id 
_pdbx_poly_seq_scheme.entity_id 
_pdbx_poly_seq_scheme.seq_id 
_pdbx_poly_seq_scheme.mon_id 
_pdbx_poly_seq_scheme.ndb_seq_num 
_pdbx_poly_seq_scheme.pdb_seq_num 
_pdbx_poly_seq_scheme.auth_seq_num 
_pdbx_poly_seq_scheme.pdb_mon_id 
_pdbx_poly_seq_scheme.auth_mon_id 
_pdbx_poly_seq_scheme.pdb_strand_id 
_pdbx_poly_seq_scheme.pdb_ins_code 
_pdbx_poly_seq_scheme.hetero 
A 1 1  MET 1  8  ?  ?   ?   A . n 
A 1 2  LYS 2  9  ?  ?   ?   A . n 
A 1 3  LYS 3  10 ?  ?   ?   A . n 
A 1 4  HIS 4  11 ?  ?   ?   A . n 
A 1 5  HIS 5  12 ?  ?   ?   A . n 
A 1 6  HIS 6  13 ?  ?   ?   A . n 
A 1 7  HIS 7  14 ?  ?   ?   A . n 
A 1 8  HIS 8  15 ?  ?   ?   A . n 
A 1 9  HIS 9  16 ?  ?   ?   A . n 
A 1 10 ALA 10 17 ?  ?   ?   A . n 
A 1 11 GLU 11 18 ?  ?   ?   A . n 
A 1 12 GLU 12 19 ?  ?   ?   A . n 
A 1 13 GLU 13 20 ?  ?   ?   A . n 
A 1 14 GLU 14 21 ?  ?   ?   A . n 
A 1 15 GLU 15 22 ?  ?   ?   A . n 
A 1 16 GLU 16 23 23 GLU GLU A . n 
A 1 17 TYR 17 24 24 TYR TYR A . n 
A 1 18 ALA 18 25 25 ALA ALA A . n 
A 1 19 VAL 19 26 26 VAL VAL A . n 
A 1 20 GLU 20 27 27 GLU GLU A . n 
A 1 21 LYS 21 28 28 LYS LYS A . n 
A 1 22 ILE 22 29 29 ILE ILE A . n 
A 1 23 ILE 23 30 30 ILE ILE A . n 
A 1 24 ASP 24 31 31 ASP ASP A . n 
A 1 25 ARG 25 32 32 ARG ARG A . n 
A 1 26 ARG 26 33 33 ARG ARG A . n 
A 1 27 VAL 27 34 34 VAL VAL A . n 
A 1 28 ARG 28 35 35 ARG ARG A . n 
A 1 29 LYS 29 36 36 LYS LYS A . n 
A 1 30 GLY 30 37 37 GLY GLY A . n 
A 1 31 MET 31 38 38 MET MET A . n 
A 1 32 VAL 32 39 39 VAL VAL A . n 
A 1 33 GLU 33 40 40 GLU GLU A . n 
A 1 34 TYR 34 41 41 TYR TYR A . n 
A 1 35 TYR 35 42 42 TYR TYR A . n 
A 1 36 LEU 36 43 43 LEU LEU A . n 
A 1 37 LYS 37 44 44 LYS LYS A . n 
A 1 38 TRP 38 45 45 TRP TRP A . n 
A 1 39 LYS 39 46 46 LYS LYS A . n 
A 1 40 GLY 40 47 47 GLY GLY A . n 
A 1 41 TYR 41 48 48 TYR TYR A . n 
A 1 42 PRO 42 49 49 PRO PRO A . n 
A 1 43 GLU 43 50 50 GLU GLU A . n 
A 1 44 THR 44 51 51 THR THR A . n 
A 1 45 GLU 45 52 52 GLU GLU A . n 
A 1 46 ASN 46 53 53 ASN ASN A . n 
A 1 47 THR 47 54 54 THR THR A . n 
A 1 48 TRP 48 55 55 TRP TRP A . n 
A 1 49 GLU 49 56 56 GLU GLU A . n 
A 1 50 PRO 50 57 57 PRO PRO A . n 
A 1 51 GLU 51 58 58 GLU GLU A . n 
A 1 52 ASN 52 59 59 ASN ASN A . n 
A 1 53 ASN 53 60 60 ASN ASN A . n 
A 1 54 LEU 54 61 61 LEU LEU A . n 
A 1 55 ASP 55 62 62 ASP ASP A . n 
A 1 56 CYS 56 63 63 CYS CYS A . n 
A 1 57 GLN 57 64 64 GLN GLN A . n 
A 1 58 ASP 58 65 65 ASP ASP A . n 
A 1 59 LEU 59 66 66 LEU LEU A . n 
A 1 60 ILE 60 67 67 ILE ILE A . n 
A 1 61 GLN 61 68 68 GLN GLN A . n 
A 1 62 GLN 62 69 69 GLN GLN A . n 
A 1 63 TYR 63 70 70 TYR TYR A . n 
A 1 64 GLU 64 71 71 GLU GLU A . n 
A 1 65 ALA 65 72 72 ALA ALA A . n 
A 1 66 SER 66 73 73 SER SER A . n 
A 1 67 ARG 67 74 74 ARG ARG A . n 
A 1 68 LYS 68 75 ?  ?   ?   A . n 
A 1 69 ASP 69 76 ?  ?   ?   A . n 
B 2 1  ALA 1  1  ?  ?   ?   P . n 
B 2 2  ARG 2  2  ?  ?   ?   P . n 
B 2 3  THR 3  3  ?  ?   ?   P . n 
B 2 4  LYS 4  4  ?  ?   ?   P . n 
B 2 5  GLN 5  5  5  GLN GLN P . n 
B 2 6  THR 6  6  6  THR THR P . n 
B 2 7  ALA 7  7  7  ALA ALA P . n 
B 2 8  ARG 8  8  8  ARG ARG P . n 
B 2 9  MLZ 9  9  9  MLZ MLZ P . n 
B 2 10 SER 10 10 10 SER SER P . n 
B 2 11 THR 11 11 ?  ?   ?   P . n 
B 2 12 GLY 12 12 ?  ?   ?   P . n 
B 2 13 GLY 13 13 ?  ?   ?   P . n 
B 2 14 LYS 14 14 ?  ?   ?   P . n 
B 2 15 ALA 15 15 ?  ?   ?   P . n 
B 2 16 TYR 16 16 ?  ?   ?   P . n 
# 
loop_
_pdbx_nonpoly_scheme.asym_id 
_pdbx_nonpoly_scheme.entity_id 
_pdbx_nonpoly_scheme.mon_id 
_pdbx_nonpoly_scheme.ndb_seq_num 
_pdbx_nonpoly_scheme.pdb_seq_num 
_pdbx_nonpoly_scheme.auth_seq_num 
_pdbx_nonpoly_scheme.pdb_mon_id 
_pdbx_nonpoly_scheme.auth_mon_id 
_pdbx_nonpoly_scheme.pdb_strand_id 
_pdbx_nonpoly_scheme.pdb_ins_code 
C 3 HOH 1  77  1  HOH HOH A . 
C 3 HOH 2  78  2  HOH HOH A . 
C 3 HOH 3  79  3  HOH HOH A . 
C 3 HOH 4  80  4  HOH HOH A . 
C 3 HOH 5  81  5  HOH HOH A . 
C 3 HOH 6  82  6  HOH HOH A . 
C 3 HOH 7  83  7  HOH HOH A . 
C 3 HOH 8  84  8  HOH HOH A . 
C 3 HOH 9  85  10 HOH HOH A . 
C 3 HOH 10 86  11 HOH HOH A . 
C 3 HOH 11 87  12 HOH HOH A . 
C 3 HOH 12 88  13 HOH HOH A . 
C 3 HOH 13 89  14 HOH HOH A . 
C 3 HOH 14 90  16 HOH HOH A . 
C 3 HOH 15 91  17 HOH HOH A . 
C 3 HOH 16 92  18 HOH HOH A . 
C 3 HOH 17 93  19 HOH HOH A . 
C 3 HOH 18 94  20 HOH HOH A . 
C 3 HOH 19 95  21 HOH HOH A . 
C 3 HOH 20 96  22 HOH HOH A . 
C 3 HOH 21 97  23 HOH HOH A . 
C 3 HOH 22 98  24 HOH HOH A . 
C 3 HOH 23 99  25 HOH HOH A . 
C 3 HOH 24 100 26 HOH HOH A . 
C 3 HOH 25 101 28 HOH HOH A . 
C 3 HOH 26 102 29 HOH HOH A . 
C 3 HOH 27 103 30 HOH HOH A . 
C 3 HOH 28 104 31 HOH HOH A . 
C 3 HOH 29 105 32 HOH HOH A . 
C 3 HOH 30 106 33 HOH HOH A . 
C 3 HOH 31 107 34 HOH HOH A . 
C 3 HOH 32 108 35 HOH HOH A . 
C 3 HOH 33 109 36 HOH HOH A . 
C 3 HOH 34 110 37 HOH HOH A . 
C 3 HOH 35 111 39 HOH HOH A . 
C 3 HOH 36 112 40 HOH HOH A . 
C 3 HOH 37 113 41 HOH HOH A . 
C 3 HOH 38 114 42 HOH HOH A . 
C 3 HOH 39 115 43 HOH HOH A . 
C 3 HOH 40 116 44 HOH HOH A . 
C 3 HOH 41 117 46 HOH HOH A . 
C 3 HOH 42 118 47 HOH HOH A . 
C 3 HOH 43 119 48 HOH HOH A . 
C 3 HOH 44 120 49 HOH HOH A . 
C 3 HOH 45 121 50 HOH HOH A . 
C 3 HOH 46 122 51 HOH HOH A . 
C 3 HOH 47 123 52 HOH HOH A . 
C 3 HOH 48 124 53 HOH HOH A . 
C 3 HOH 49 125 54 HOH HOH A . 
C 3 HOH 50 126 55 HOH HOH A . 
C 3 HOH 51 127 56 HOH HOH A . 
C 3 HOH 52 128 57 HOH HOH A . 
C 3 HOH 53 129 58 HOH HOH A . 
C 3 HOH 54 130 59 HOH HOH A . 
C 3 HOH 55 131 60 HOH HOH A . 
C 3 HOH 56 132 61 HOH HOH A . 
C 3 HOH 57 133 62 HOH HOH A . 
C 3 HOH 58 134 63 HOH HOH A . 
C 3 HOH 59 135 64 HOH HOH A . 
C 3 HOH 60 136 65 HOH HOH A . 
C 3 HOH 61 137 66 HOH HOH A . 
C 3 HOH 62 138 68 HOH HOH A . 
C 3 HOH 63 139 69 HOH HOH A . 
C 3 HOH 64 140 71 HOH HOH A . 
C 3 HOH 65 141 72 HOH HOH A . 
C 3 HOH 66 142 73 HOH HOH A . 
C 3 HOH 67 143 74 HOH HOH A . 
C 3 HOH 68 144 75 HOH HOH A . 
C 3 HOH 69 145 76 HOH HOH A . 
C 3 HOH 70 146 77 HOH HOH A . 
C 3 HOH 71 147 78 HOH HOH A . 
C 3 HOH 72 148 79 HOH HOH A . 
C 3 HOH 73 149 80 HOH HOH A . 
C 3 HOH 74 150 81 HOH HOH A . 
C 3 HOH 75 151 82 HOH HOH A . 
C 3 HOH 76 152 83 HOH HOH A . 
C 3 HOH 77 153 85 HOH HOH A . 
C 3 HOH 78 154 86 HOH HOH A . 
C 3 HOH 79 155 88 HOH HOH A . 
C 3 HOH 80 156 89 HOH HOH A . 
C 3 HOH 81 157 90 HOH HOH A . 
C 3 HOH 82 158 91 HOH HOH A . 
C 3 HOH 83 159 92 HOH HOH A . 
C 3 HOH 84 160 93 HOH HOH A . 
C 3 HOH 85 161 94 HOH HOH A . 
C 3 HOH 86 162 95 HOH HOH A . 
C 3 HOH 87 163 96 HOH HOH A . 
D 3 HOH 1  17  9  HOH HOH P . 
D 3 HOH 2  18  15 HOH HOH P . 
D 3 HOH 3  19  38 HOH HOH P . 
D 3 HOH 4  20  45 HOH HOH P . 
D 3 HOH 5  21  67 HOH HOH P . 
D 3 HOH 6  22  70 HOH HOH P . 
D 3 HOH 7  23  84 HOH HOH P . 
D 3 HOH 8  24  87 HOH HOH P . 
# 
_pdbx_struct_mod_residue.id               1 
_pdbx_struct_mod_residue.label_asym_id    B 
_pdbx_struct_mod_residue.label_comp_id    MLZ 
_pdbx_struct_mod_residue.label_seq_id     9 
_pdbx_struct_mod_residue.auth_asym_id     P 
_pdbx_struct_mod_residue.auth_comp_id     MLZ 
_pdbx_struct_mod_residue.auth_seq_id      9 
_pdbx_struct_mod_residue.PDB_ins_code     ? 
_pdbx_struct_mod_residue.parent_comp_id   LYS 
_pdbx_struct_mod_residue.details          N-METHYL-LYSINE 
# 
_pdbx_struct_assembly.id                   1 
_pdbx_struct_assembly.details              author_and_software_defined_assembly 
_pdbx_struct_assembly.method_details       PISA 
_pdbx_struct_assembly.oligomeric_details   dimeric 
_pdbx_struct_assembly.oligomeric_count     2 
# 
_pdbx_struct_assembly_gen.assembly_id       1 
_pdbx_struct_assembly_gen.oper_expression   1 
_pdbx_struct_assembly_gen.asym_id_list      A,B,C,D 
# 
loop_
_pdbx_struct_assembly_prop.biol_id 
_pdbx_struct_assembly_prop.type 
_pdbx_struct_assembly_prop.value 
_pdbx_struct_assembly_prop.details 
1 'ABSA (A^2)' 1020 ? 
1 MORE         -4   ? 
1 'SSA (A^2)'  4120 ? 
# 
_pdbx_struct_oper_list.id                   1 
_pdbx_struct_oper_list.type                 'identity operation' 
_pdbx_struct_oper_list.name                 1_555 
_pdbx_struct_oper_list.symmetry_operation   x,y,z 
_pdbx_struct_oper_list.matrix[1][1]         1.0000000000 
_pdbx_struct_oper_list.matrix[1][2]         0.0000000000 
_pdbx_struct_oper_list.matrix[1][3]         0.0000000000 
_pdbx_struct_oper_list.vector[1]            0.0000000000 
_pdbx_struct_oper_list.matrix[2][1]         0.0000000000 
_pdbx_struct_oper_list.matrix[2][2]         1.0000000000 
_pdbx_struct_oper_list.matrix[2][3]         0.0000000000 
_pdbx_struct_oper_list.vector[2]            0.0000000000 
_pdbx_struct_oper_list.matrix[3][1]         0.0000000000 
_pdbx_struct_oper_list.matrix[3][2]         0.0000000000 
_pdbx_struct_oper_list.matrix[3][3]         1.0000000000 
_pdbx_struct_oper_list.vector[3]            0.0000000000 
# 
_pdbx_struct_special_symmetry.id              1 
_pdbx_struct_special_symmetry.PDB_model_num   1 
_pdbx_struct_special_symmetry.auth_asym_id    A 
_pdbx_struct_special_symmetry.auth_comp_id    HOH 
_pdbx_struct_special_symmetry.auth_seq_id     82 
_pdbx_struct_special_symmetry.PDB_ins_code    ? 
_pdbx_struct_special_symmetry.label_asym_id   C 
_pdbx_struct_special_symmetry.label_comp_id   HOH 
_pdbx_struct_special_symmetry.label_seq_id    . 
# 
loop_
_pdbx_audit_revision_history.ordinal 
_pdbx_audit_revision_history.data_content_type 
_pdbx_audit_revision_history.major_revision 
_pdbx_audit_revision_history.minor_revision 
_pdbx_audit_revision_history.revision_date 
1 'Structure model' 1 0 2004-10-12 
2 'Structure model' 1 1 2008-04-29 
3 'Structure model' 1 2 2011-07-13 
4 'Structure model' 1 3 2023-08-16 
# 
_pdbx_audit_revision_details.ordinal             1 
_pdbx_audit_revision_details.revision_ordinal    1 
_pdbx_audit_revision_details.data_content_type   'Structure model' 
_pdbx_audit_revision_details.provider            repository 
_pdbx_audit_revision_details.type                'Initial release' 
_pdbx_audit_revision_details.description         ? 
_pdbx_audit_revision_details.details             ? 
# 
loop_
_pdbx_audit_revision_group.ordinal 
_pdbx_audit_revision_group.revision_ordinal 
_pdbx_audit_revision_group.data_content_type 
_pdbx_audit_revision_group.group 
1 2 'Structure model' 'Version format compliance' 
2 3 'Structure model' 'Version format compliance' 
3 4 'Structure model' 'Data collection'           
4 4 'Structure model' 'Database references'       
5 4 'Structure model' 'Derived calculations'      
6 4 'Structure model' 'Refinement description'    
# 
loop_
_pdbx_audit_revision_category.ordinal 
_pdbx_audit_revision_category.revision_ordinal 
_pdbx_audit_revision_category.data_content_type 
_pdbx_audit_revision_category.category 
1 4 'Structure model' chem_comp_atom                
2 4 'Structure model' chem_comp_bond                
3 4 'Structure model' database_2                    
4 4 'Structure model' pdbx_initial_refinement_model 
5 4 'Structure model' struct_conn                   
6 4 'Structure model' struct_ref_seq_dif            
# 
loop_
_pdbx_audit_revision_item.ordinal 
_pdbx_audit_revision_item.revision_ordinal 
_pdbx_audit_revision_item.data_content_type 
_pdbx_audit_revision_item.item 
1 4 'Structure model' '_database_2.pdbx_DOI'                
2 4 'Structure model' '_database_2.pdbx_database_accession' 
3 4 'Structure model' '_struct_conn.pdbx_leaving_atom_flag' 
4 4 'Structure model' '_struct_ref_seq_dif.details'         
# 
loop_
_software.name 
_software.classification 
_software.version 
_software.citation_id 
_software.pdbx_ordinal 
REFMAC    refinement       5.1.19 ? 1 
HKL-2000  'data reduction' .      ? 2 
SCALEPACK 'data scaling'   .      ? 3 
MOLREP    phasing          .      ? 4 
# 
_pdbx_validate_close_contact.id               1 
_pdbx_validate_close_contact.PDB_model_num    1 
_pdbx_validate_close_contact.auth_atom_id_1   O 
_pdbx_validate_close_contact.auth_asym_id_1   A 
_pdbx_validate_close_contact.auth_comp_id_1   HOH 
_pdbx_validate_close_contact.auth_seq_id_1    106 
_pdbx_validate_close_contact.PDB_ins_code_1   ? 
_pdbx_validate_close_contact.label_alt_id_1   ? 
_pdbx_validate_close_contact.auth_atom_id_2   O 
_pdbx_validate_close_contact.auth_asym_id_2   A 
_pdbx_validate_close_contact.auth_comp_id_2   HOH 
_pdbx_validate_close_contact.auth_seq_id_2    159 
_pdbx_validate_close_contact.PDB_ins_code_2   ? 
_pdbx_validate_close_contact.label_alt_id_2   ? 
_pdbx_validate_close_contact.dist             2.19 
# 
_pdbx_validate_torsion.id              1 
_pdbx_validate_torsion.PDB_model_num   1 
_pdbx_validate_torsion.auth_comp_id    MLZ 
_pdbx_validate_torsion.auth_asym_id    P 
_pdbx_validate_torsion.auth_seq_id     9 
_pdbx_validate_torsion.PDB_ins_code    ? 
_pdbx_validate_torsion.label_alt_id    ? 
_pdbx_validate_torsion.phi             -66.64 
_pdbx_validate_torsion.psi             88.96 
# 
loop_
_pdbx_unobs_or_zero_occ_residues.id 
_pdbx_unobs_or_zero_occ_residues.PDB_model_num 
_pdbx_unobs_or_zero_occ_residues.polymer_flag 
_pdbx_unobs_or_zero_occ_residues.occupancy_flag 
_pdbx_unobs_or_zero_occ_residues.auth_asym_id 
_pdbx_unobs_or_zero_occ_residues.auth_comp_id 
_pdbx_unobs_or_zero_occ_residues.auth_seq_id 
_pdbx_unobs_or_zero_occ_residues.PDB_ins_code 
_pdbx_unobs_or_zero_occ_residues.label_asym_id 
_pdbx_unobs_or_zero_occ_residues.label_comp_id 
_pdbx_unobs_or_zero_occ_residues.label_seq_id 
1  1 Y 1 A MET 8  ? A MET 1  
2  1 Y 1 A LYS 9  ? A LYS 2  
3  1 Y 1 A LYS 10 ? A LYS 3  
4  1 Y 1 A HIS 11 ? A HIS 4  
5  1 Y 1 A HIS 12 ? A HIS 5  
6  1 Y 1 A HIS 13 ? A HIS 6  
7  1 Y 1 A HIS 14 ? A HIS 7  
8  1 Y 1 A HIS 15 ? A HIS 8  
9  1 Y 1 A HIS 16 ? A HIS 9  
10 1 Y 1 A ALA 17 ? A ALA 10 
11 1 Y 1 A GLU 18 ? A GLU 11 
12 1 Y 1 A GLU 19 ? A GLU 12 
13 1 Y 1 A GLU 20 ? A GLU 13 
14 1 Y 1 A GLU 21 ? A GLU 14 
15 1 Y 1 A GLU 22 ? A GLU 15 
16 1 Y 1 A LYS 75 ? A LYS 68 
17 1 Y 1 A ASP 76 ? A ASP 69 
18 1 Y 1 P ALA 1  ? B ALA 1  
19 1 Y 1 P ARG 2  ? B ARG 2  
20 1 Y 1 P THR 3  ? B THR 3  
21 1 Y 1 P LYS 4  ? B LYS 4  
22 1 Y 1 P THR 11 ? B THR 11 
23 1 Y 1 P GLY 12 ? B GLY 12 
24 1 Y 1 P GLY 13 ? B GLY 13 
25 1 Y 1 P LYS 14 ? B LYS 14 
26 1 Y 1 P ALA 15 ? B ALA 15 
27 1 Y 1 P TYR 16 ? B TYR 16 
# 
loop_
_chem_comp_atom.comp_id 
_chem_comp_atom.atom_id 
_chem_comp_atom.type_symbol 
_chem_comp_atom.pdbx_aromatic_flag 
_chem_comp_atom.pdbx_stereo_config 
_chem_comp_atom.pdbx_ordinal 
ALA N    N N N 1   
ALA CA   C N S 2   
ALA C    C N N 3   
ALA O    O N N 4   
ALA CB   C N N 5   
ALA OXT  O N N 6   
ALA H    H N N 7   
ALA H2   H N N 8   
ALA HA   H N N 9   
ALA HB1  H N N 10  
ALA HB2  H N N 11  
ALA HB3  H N N 12  
ALA HXT  H N N 13  
ARG N    N N N 14  
ARG CA   C N S 15  
ARG C    C N N 16  
ARG O    O N N 17  
ARG CB   C N N 18  
ARG CG   C N N 19  
ARG CD   C N N 20  
ARG NE   N N N 21  
ARG CZ   C N N 22  
ARG NH1  N N N 23  
ARG NH2  N N N 24  
ARG OXT  O N N 25  
ARG H    H N N 26  
ARG H2   H N N 27  
ARG HA   H N N 28  
ARG HB2  H N N 29  
ARG HB3  H N N 30  
ARG HG2  H N N 31  
ARG HG3  H N N 32  
ARG HD2  H N N 33  
ARG HD3  H N N 34  
ARG HE   H N N 35  
ARG HH11 H N N 36  
ARG HH12 H N N 37  
ARG HH21 H N N 38  
ARG HH22 H N N 39  
ARG HXT  H N N 40  
ASN N    N N N 41  
ASN CA   C N S 42  
ASN C    C N N 43  
ASN O    O N N 44  
ASN CB   C N N 45  
ASN CG   C N N 46  
ASN OD1  O N N 47  
ASN ND2  N N N 48  
ASN OXT  O N N 49  
ASN H    H N N 50  
ASN H2   H N N 51  
ASN HA   H N N 52  
ASN HB2  H N N 53  
ASN HB3  H N N 54  
ASN HD21 H N N 55  
ASN HD22 H N N 56  
ASN HXT  H N N 57  
ASP N    N N N 58  
ASP CA   C N S 59  
ASP C    C N N 60  
ASP O    O N N 61  
ASP CB   C N N 62  
ASP CG   C N N 63  
ASP OD1  O N N 64  
ASP OD2  O N N 65  
ASP OXT  O N N 66  
ASP H    H N N 67  
ASP H2   H N N 68  
ASP HA   H N N 69  
ASP HB2  H N N 70  
ASP HB3  H N N 71  
ASP HD2  H N N 72  
ASP HXT  H N N 73  
CYS N    N N N 74  
CYS CA   C N R 75  
CYS C    C N N 76  
CYS O    O N N 77  
CYS CB   C N N 78  
CYS SG   S N N 79  
CYS OXT  O N N 80  
CYS H    H N N 81  
CYS H2   H N N 82  
CYS HA   H N N 83  
CYS HB2  H N N 84  
CYS HB3  H N N 85  
CYS HG   H N N 86  
CYS HXT  H N N 87  
GLN N    N N N 88  
GLN CA   C N S 89  
GLN C    C N N 90  
GLN O    O N N 91  
GLN CB   C N N 92  
GLN CG   C N N 93  
GLN CD   C N N 94  
GLN OE1  O N N 95  
GLN NE2  N N N 96  
GLN OXT  O N N 97  
GLN H    H N N 98  
GLN H2   H N N 99  
GLN HA   H N N 100 
GLN HB2  H N N 101 
GLN HB3  H N N 102 
GLN HG2  H N N 103 
GLN HG3  H N N 104 
GLN HE21 H N N 105 
GLN HE22 H N N 106 
GLN HXT  H N N 107 
GLU N    N N N 108 
GLU CA   C N S 109 
GLU C    C N N 110 
GLU O    O N N 111 
GLU CB   C N N 112 
GLU CG   C N N 113 
GLU CD   C N N 114 
GLU OE1  O N N 115 
GLU OE2  O N N 116 
GLU OXT  O N N 117 
GLU H    H N N 118 
GLU H2   H N N 119 
GLU HA   H N N 120 
GLU HB2  H N N 121 
GLU HB3  H N N 122 
GLU HG2  H N N 123 
GLU HG3  H N N 124 
GLU HE2  H N N 125 
GLU HXT  H N N 126 
GLY N    N N N 127 
GLY CA   C N N 128 
GLY C    C N N 129 
GLY O    O N N 130 
GLY OXT  O N N 131 
GLY H    H N N 132 
GLY H2   H N N 133 
GLY HA2  H N N 134 
GLY HA3  H N N 135 
GLY HXT  H N N 136 
HIS N    N N N 137 
HIS CA   C N S 138 
HIS C    C N N 139 
HIS O    O N N 140 
HIS CB   C N N 141 
HIS CG   C Y N 142 
HIS ND1  N Y N 143 
HIS CD2  C Y N 144 
HIS CE1  C Y N 145 
HIS NE2  N Y N 146 
HIS OXT  O N N 147 
HIS H    H N N 148 
HIS H2   H N N 149 
HIS HA   H N N 150 
HIS HB2  H N N 151 
HIS HB3  H N N 152 
HIS HD1  H N N 153 
HIS HD2  H N N 154 
HIS HE1  H N N 155 
HIS HE2  H N N 156 
HIS HXT  H N N 157 
HOH O    O N N 158 
HOH H1   H N N 159 
HOH H2   H N N 160 
ILE N    N N N 161 
ILE CA   C N S 162 
ILE C    C N N 163 
ILE O    O N N 164 
ILE CB   C N S 165 
ILE CG1  C N N 166 
ILE CG2  C N N 167 
ILE CD1  C N N 168 
ILE OXT  O N N 169 
ILE H    H N N 170 
ILE H2   H N N 171 
ILE HA   H N N 172 
ILE HB   H N N 173 
ILE HG12 H N N 174 
ILE HG13 H N N 175 
ILE HG21 H N N 176 
ILE HG22 H N N 177 
ILE HG23 H N N 178 
ILE HD11 H N N 179 
ILE HD12 H N N 180 
ILE HD13 H N N 181 
ILE HXT  H N N 182 
LEU N    N N N 183 
LEU CA   C N S 184 
LEU C    C N N 185 
LEU O    O N N 186 
LEU CB   C N N 187 
LEU CG   C N N 188 
LEU CD1  C N N 189 
LEU CD2  C N N 190 
LEU OXT  O N N 191 
LEU H    H N N 192 
LEU H2   H N N 193 
LEU HA   H N N 194 
LEU HB2  H N N 195 
LEU HB3  H N N 196 
LEU HG   H N N 197 
LEU HD11 H N N 198 
LEU HD12 H N N 199 
LEU HD13 H N N 200 
LEU HD21 H N N 201 
LEU HD22 H N N 202 
LEU HD23 H N N 203 
LEU HXT  H N N 204 
LYS N    N N N 205 
LYS CA   C N S 206 
LYS C    C N N 207 
LYS O    O N N 208 
LYS CB   C N N 209 
LYS CG   C N N 210 
LYS CD   C N N 211 
LYS CE   C N N 212 
LYS NZ   N N N 213 
LYS OXT  O N N 214 
LYS H    H N N 215 
LYS H2   H N N 216 
LYS HA   H N N 217 
LYS HB2  H N N 218 
LYS HB3  H N N 219 
LYS HG2  H N N 220 
LYS HG3  H N N 221 
LYS HD2  H N N 222 
LYS HD3  H N N 223 
LYS HE2  H N N 224 
LYS HE3  H N N 225 
LYS HZ1  H N N 226 
LYS HZ2  H N N 227 
LYS HZ3  H N N 228 
LYS HXT  H N N 229 
MET N    N N N 230 
MET CA   C N S 231 
MET C    C N N 232 
MET O    O N N 233 
MET CB   C N N 234 
MET CG   C N N 235 
MET SD   S N N 236 
MET CE   C N N 237 
MET OXT  O N N 238 
MET H    H N N 239 
MET H2   H N N 240 
MET HA   H N N 241 
MET HB2  H N N 242 
MET HB3  H N N 243 
MET HG2  H N N 244 
MET HG3  H N N 245 
MET HE1  H N N 246 
MET HE2  H N N 247 
MET HE3  H N N 248 
MET HXT  H N N 249 
MLZ N    N N N 250 
MLZ CA   C N S 251 
MLZ CB   C N N 252 
MLZ CG   C N N 253 
MLZ CD   C N N 254 
MLZ CE   C N N 255 
MLZ NZ   N N N 256 
MLZ CM   C N N 257 
MLZ C    C N N 258 
MLZ O    O N N 259 
MLZ OXT  O N N 260 
MLZ H    H N N 261 
MLZ H2   H N N 262 
MLZ HA   H N N 263 
MLZ HB2  H N N 264 
MLZ HB3  H N N 265 
MLZ HG2  H N N 266 
MLZ HG3  H N N 267 
MLZ HD2  H N N 268 
MLZ HD3  H N N 269 
MLZ HE2  H N N 270 
MLZ HE3  H N N 271 
MLZ HZ   H N N 272 
MLZ HCM1 H N N 273 
MLZ HCM2 H N N 274 
MLZ HCM3 H N N 275 
MLZ HXT  H N N 276 
PRO N    N N N 277 
PRO CA   C N S 278 
PRO C    C N N 279 
PRO O    O N N 280 
PRO CB   C N N 281 
PRO CG   C N N 282 
PRO CD   C N N 283 
PRO OXT  O N N 284 
PRO H    H N N 285 
PRO HA   H N N 286 
PRO HB2  H N N 287 
PRO HB3  H N N 288 
PRO HG2  H N N 289 
PRO HG3  H N N 290 
PRO HD2  H N N 291 
PRO HD3  H N N 292 
PRO HXT  H N N 293 
SER N    N N N 294 
SER CA   C N S 295 
SER C    C N N 296 
SER O    O N N 297 
SER CB   C N N 298 
SER OG   O N N 299 
SER OXT  O N N 300 
SER H    H N N 301 
SER H2   H N N 302 
SER HA   H N N 303 
SER HB2  H N N 304 
SER HB3  H N N 305 
SER HG   H N N 306 
SER HXT  H N N 307 
THR N    N N N 308 
THR CA   C N S 309 
THR C    C N N 310 
THR O    O N N 311 
THR CB   C N R 312 
THR OG1  O N N 313 
THR CG2  C N N 314 
THR OXT  O N N 315 
THR H    H N N 316 
THR H2   H N N 317 
THR HA   H N N 318 
THR HB   H N N 319 
THR HG1  H N N 320 
THR HG21 H N N 321 
THR HG22 H N N 322 
THR HG23 H N N 323 
THR HXT  H N N 324 
TRP N    N N N 325 
TRP CA   C N S 326 
TRP C    C N N 327 
TRP O    O N N 328 
TRP CB   C N N 329 
TRP CG   C Y N 330 
TRP CD1  C Y N 331 
TRP CD2  C Y N 332 
TRP NE1  N Y N 333 
TRP CE2  C Y N 334 
TRP CE3  C Y N 335 
TRP CZ2  C Y N 336 
TRP CZ3  C Y N 337 
TRP CH2  C Y N 338 
TRP OXT  O N N 339 
TRP H    H N N 340 
TRP H2   H N N 341 
TRP HA   H N N 342 
TRP HB2  H N N 343 
TRP HB3  H N N 344 
TRP HD1  H N N 345 
TRP HE1  H N N 346 
TRP HE3  H N N 347 
TRP HZ2  H N N 348 
TRP HZ3  H N N 349 
TRP HH2  H N N 350 
TRP HXT  H N N 351 
TYR N    N N N 352 
TYR CA   C N S 353 
TYR C    C N N 354 
TYR O    O N N 355 
TYR CB   C N N 356 
TYR CG   C Y N 357 
TYR CD1  C Y N 358 
TYR CD2  C Y N 359 
TYR CE1  C Y N 360 
TYR CE2  C Y N 361 
TYR CZ   C Y N 362 
TYR OH   O N N 363 
TYR OXT  O N N 364 
TYR H    H N N 365 
TYR H2   H N N 366 
TYR HA   H N N 367 
TYR HB2  H N N 368 
TYR HB3  H N N 369 
TYR HD1  H N N 370 
TYR HD2  H N N 371 
TYR HE1  H N N 372 
TYR HE2  H N N 373 
TYR HH   H N N 374 
TYR HXT  H N N 375 
VAL N    N N N 376 
VAL CA   C N S 377 
VAL C    C N N 378 
VAL O    O N N 379 
VAL CB   C N N 380 
VAL CG1  C N N 381 
VAL CG2  C N N 382 
VAL OXT  O N N 383 
VAL H    H N N 384 
VAL H2   H N N 385 
VAL HA   H N N 386 
VAL HB   H N N 387 
VAL HG11 H N N 388 
VAL HG12 H N N 389 
VAL HG13 H N N 390 
VAL HG21 H N N 391 
VAL HG22 H N N 392 
VAL HG23 H N N 393 
VAL HXT  H N N 394 
# 
loop_
_chem_comp_bond.comp_id 
_chem_comp_bond.atom_id_1 
_chem_comp_bond.atom_id_2 
_chem_comp_bond.value_order 
_chem_comp_bond.pdbx_aromatic_flag 
_chem_comp_bond.pdbx_stereo_config 
_chem_comp_bond.pdbx_ordinal 
ALA N   CA   sing N N 1   
ALA N   H    sing N N 2   
ALA N   H2   sing N N 3   
ALA CA  C    sing N N 4   
ALA CA  CB   sing N N 5   
ALA CA  HA   sing N N 6   
ALA C   O    doub N N 7   
ALA C   OXT  sing N N 8   
ALA CB  HB1  sing N N 9   
ALA CB  HB2  sing N N 10  
ALA CB  HB3  sing N N 11  
ALA OXT HXT  sing N N 12  
ARG N   CA   sing N N 13  
ARG N   H    sing N N 14  
ARG N   H2   sing N N 15  
ARG CA  C    sing N N 16  
ARG CA  CB   sing N N 17  
ARG CA  HA   sing N N 18  
ARG C   O    doub N N 19  
ARG C   OXT  sing N N 20  
ARG CB  CG   sing N N 21  
ARG CB  HB2  sing N N 22  
ARG CB  HB3  sing N N 23  
ARG CG  CD   sing N N 24  
ARG CG  HG2  sing N N 25  
ARG CG  HG3  sing N N 26  
ARG CD  NE   sing N N 27  
ARG CD  HD2  sing N N 28  
ARG CD  HD3  sing N N 29  
ARG NE  CZ   sing N N 30  
ARG NE  HE   sing N N 31  
ARG CZ  NH1  sing N N 32  
ARG CZ  NH2  doub N N 33  
ARG NH1 HH11 sing N N 34  
ARG NH1 HH12 sing N N 35  
ARG NH2 HH21 sing N N 36  
ARG NH2 HH22 sing N N 37  
ARG OXT HXT  sing N N 38  
ASN N   CA   sing N N 39  
ASN N   H    sing N N 40  
ASN N   H2   sing N N 41  
ASN CA  C    sing N N 42  
ASN CA  CB   sing N N 43  
ASN CA  HA   sing N N 44  
ASN C   O    doub N N 45  
ASN C   OXT  sing N N 46  
ASN CB  CG   sing N N 47  
ASN CB  HB2  sing N N 48  
ASN CB  HB3  sing N N 49  
ASN CG  OD1  doub N N 50  
ASN CG  ND2  sing N N 51  
ASN ND2 HD21 sing N N 52  
ASN ND2 HD22 sing N N 53  
ASN OXT HXT  sing N N 54  
ASP N   CA   sing N N 55  
ASP N   H    sing N N 56  
ASP N   H2   sing N N 57  
ASP CA  C    sing N N 58  
ASP CA  CB   sing N N 59  
ASP CA  HA   sing N N 60  
ASP C   O    doub N N 61  
ASP C   OXT  sing N N 62  
ASP CB  CG   sing N N 63  
ASP CB  HB2  sing N N 64  
ASP CB  HB3  sing N N 65  
ASP CG  OD1  doub N N 66  
ASP CG  OD2  sing N N 67  
ASP OD2 HD2  sing N N 68  
ASP OXT HXT  sing N N 69  
CYS N   CA   sing N N 70  
CYS N   H    sing N N 71  
CYS N   H2   sing N N 72  
CYS CA  C    sing N N 73  
CYS CA  CB   sing N N 74  
CYS CA  HA   sing N N 75  
CYS C   O    doub N N 76  
CYS C   OXT  sing N N 77  
CYS CB  SG   sing N N 78  
CYS CB  HB2  sing N N 79  
CYS CB  HB3  sing N N 80  
CYS SG  HG   sing N N 81  
CYS OXT HXT  sing N N 82  
GLN N   CA   sing N N 83  
GLN N   H    sing N N 84  
GLN N   H2   sing N N 85  
GLN CA  C    sing N N 86  
GLN CA  CB   sing N N 87  
GLN CA  HA   sing N N 88  
GLN C   O    doub N N 89  
GLN C   OXT  sing N N 90  
GLN CB  CG   sing N N 91  
GLN CB  HB2  sing N N 92  
GLN CB  HB3  sing N N 93  
GLN CG  CD   sing N N 94  
GLN CG  HG2  sing N N 95  
GLN CG  HG3  sing N N 96  
GLN CD  OE1  doub N N 97  
GLN CD  NE2  sing N N 98  
GLN NE2 HE21 sing N N 99  
GLN NE2 HE22 sing N N 100 
GLN OXT HXT  sing N N 101 
GLU N   CA   sing N N 102 
GLU N   H    sing N N 103 
GLU N   H2   sing N N 104 
GLU CA  C    sing N N 105 
GLU CA  CB   sing N N 106 
GLU CA  HA   sing N N 107 
GLU C   O    doub N N 108 
GLU C   OXT  sing N N 109 
GLU CB  CG   sing N N 110 
GLU CB  HB2  sing N N 111 
GLU CB  HB3  sing N N 112 
GLU CG  CD   sing N N 113 
GLU CG  HG2  sing N N 114 
GLU CG  HG3  sing N N 115 
GLU CD  OE1  doub N N 116 
GLU CD  OE2  sing N N 117 
GLU OE2 HE2  sing N N 118 
GLU OXT HXT  sing N N 119 
GLY N   CA   sing N N 120 
GLY N   H    sing N N 121 
GLY N   H2   sing N N 122 
GLY CA  C    sing N N 123 
GLY CA  HA2  sing N N 124 
GLY CA  HA3  sing N N 125 
GLY C   O    doub N N 126 
GLY C   OXT  sing N N 127 
GLY OXT HXT  sing N N 128 
HIS N   CA   sing N N 129 
HIS N   H    sing N N 130 
HIS N   H2   sing N N 131 
HIS CA  C    sing N N 132 
HIS CA  CB   sing N N 133 
HIS CA  HA   sing N N 134 
HIS C   O    doub N N 135 
HIS C   OXT  sing N N 136 
HIS CB  CG   sing N N 137 
HIS CB  HB2  sing N N 138 
HIS CB  HB3  sing N N 139 
HIS CG  ND1  sing Y N 140 
HIS CG  CD2  doub Y N 141 
HIS ND1 CE1  doub Y N 142 
HIS ND1 HD1  sing N N 143 
HIS CD2 NE2  sing Y N 144 
HIS CD2 HD2  sing N N 145 
HIS CE1 NE2  sing Y N 146 
HIS CE1 HE1  sing N N 147 
HIS NE2 HE2  sing N N 148 
HIS OXT HXT  sing N N 149 
HOH O   H1   sing N N 150 
HOH O   H2   sing N N 151 
ILE N   CA   sing N N 152 
ILE N   H    sing N N 153 
ILE N   H2   sing N N 154 
ILE CA  C    sing N N 155 
ILE CA  CB   sing N N 156 
ILE CA  HA   sing N N 157 
ILE C   O    doub N N 158 
ILE C   OXT  sing N N 159 
ILE CB  CG1  sing N N 160 
ILE CB  CG2  sing N N 161 
ILE CB  HB   sing N N 162 
ILE CG1 CD1  sing N N 163 
ILE CG1 HG12 sing N N 164 
ILE CG1 HG13 sing N N 165 
ILE CG2 HG21 sing N N 166 
ILE CG2 HG22 sing N N 167 
ILE CG2 HG23 sing N N 168 
ILE CD1 HD11 sing N N 169 
ILE CD1 HD12 sing N N 170 
ILE CD1 HD13 sing N N 171 
ILE OXT HXT  sing N N 172 
LEU N   CA   sing N N 173 
LEU N   H    sing N N 174 
LEU N   H2   sing N N 175 
LEU CA  C    sing N N 176 
LEU CA  CB   sing N N 177 
LEU CA  HA   sing N N 178 
LEU C   O    doub N N 179 
LEU C   OXT  sing N N 180 
LEU CB  CG   sing N N 181 
LEU CB  HB2  sing N N 182 
LEU CB  HB3  sing N N 183 
LEU CG  CD1  sing N N 184 
LEU CG  CD2  sing N N 185 
LEU CG  HG   sing N N 186 
LEU CD1 HD11 sing N N 187 
LEU CD1 HD12 sing N N 188 
LEU CD1 HD13 sing N N 189 
LEU CD2 HD21 sing N N 190 
LEU CD2 HD22 sing N N 191 
LEU CD2 HD23 sing N N 192 
LEU OXT HXT  sing N N 193 
LYS N   CA   sing N N 194 
LYS N   H    sing N N 195 
LYS N   H2   sing N N 196 
LYS CA  C    sing N N 197 
LYS CA  CB   sing N N 198 
LYS CA  HA   sing N N 199 
LYS C   O    doub N N 200 
LYS C   OXT  sing N N 201 
LYS CB  CG   sing N N 202 
LYS CB  HB2  sing N N 203 
LYS CB  HB3  sing N N 204 
LYS CG  CD   sing N N 205 
LYS CG  HG2  sing N N 206 
LYS CG  HG3  sing N N 207 
LYS CD  CE   sing N N 208 
LYS CD  HD2  sing N N 209 
LYS CD  HD3  sing N N 210 
LYS CE  NZ   sing N N 211 
LYS CE  HE2  sing N N 212 
LYS CE  HE3  sing N N 213 
LYS NZ  HZ1  sing N N 214 
LYS NZ  HZ2  sing N N 215 
LYS NZ  HZ3  sing N N 216 
LYS OXT HXT  sing N N 217 
MET N   CA   sing N N 218 
MET N   H    sing N N 219 
MET N   H2   sing N N 220 
MET CA  C    sing N N 221 
MET CA  CB   sing N N 222 
MET CA  HA   sing N N 223 
MET C   O    doub N N 224 
MET C   OXT  sing N N 225 
MET CB  CG   sing N N 226 
MET CB  HB2  sing N N 227 
MET CB  HB3  sing N N 228 
MET CG  SD   sing N N 229 
MET CG  HG2  sing N N 230 
MET CG  HG3  sing N N 231 
MET SD  CE   sing N N 232 
MET CE  HE1  sing N N 233 
MET CE  HE2  sing N N 234 
MET CE  HE3  sing N N 235 
MET OXT HXT  sing N N 236 
MLZ N   CA   sing N N 237 
MLZ N   H    sing N N 238 
MLZ N   H2   sing N N 239 
MLZ CA  CB   sing N N 240 
MLZ CA  C    sing N N 241 
MLZ CA  HA   sing N N 242 
MLZ CB  CG   sing N N 243 
MLZ CB  HB2  sing N N 244 
MLZ CB  HB3  sing N N 245 
MLZ CG  CD   sing N N 246 
MLZ CG  HG2  sing N N 247 
MLZ CG  HG3  sing N N 248 
MLZ CD  CE   sing N N 249 
MLZ CD  HD2  sing N N 250 
MLZ CD  HD3  sing N N 251 
MLZ CE  NZ   sing N N 252 
MLZ CE  HE2  sing N N 253 
MLZ CE  HE3  sing N N 254 
MLZ NZ  CM   sing N N 255 
MLZ NZ  HZ   sing N N 256 
MLZ CM  HCM1 sing N N 257 
MLZ CM  HCM2 sing N N 258 
MLZ CM  HCM3 sing N N 259 
MLZ C   O    doub N N 260 
MLZ C   OXT  sing N N 261 
MLZ OXT HXT  sing N N 262 
PRO N   CA   sing N N 263 
PRO N   CD   sing N N 264 
PRO N   H    sing N N 265 
PRO CA  C    sing N N 266 
PRO CA  CB   sing N N 267 
PRO CA  HA   sing N N 268 
PRO C   O    doub N N 269 
PRO C   OXT  sing N N 270 
PRO CB  CG   sing N N 271 
PRO CB  HB2  sing N N 272 
PRO CB  HB3  sing N N 273 
PRO CG  CD   sing N N 274 
PRO CG  HG2  sing N N 275 
PRO CG  HG3  sing N N 276 
PRO CD  HD2  sing N N 277 
PRO CD  HD3  sing N N 278 
PRO OXT HXT  sing N N 279 
SER N   CA   sing N N 280 
SER N   H    sing N N 281 
SER N   H2   sing N N 282 
SER CA  C    sing N N 283 
SER CA  CB   sing N N 284 
SER CA  HA   sing N N 285 
SER C   O    doub N N 286 
SER C   OXT  sing N N 287 
SER CB  OG   sing N N 288 
SER CB  HB2  sing N N 289 
SER CB  HB3  sing N N 290 
SER OG  HG   sing N N 291 
SER OXT HXT  sing N N 292 
THR N   CA   sing N N 293 
THR N   H    sing N N 294 
THR N   H2   sing N N 295 
THR CA  C    sing N N 296 
THR CA  CB   sing N N 297 
THR CA  HA   sing N N 298 
THR C   O    doub N N 299 
THR C   OXT  sing N N 300 
THR CB  OG1  sing N N 301 
THR CB  CG2  sing N N 302 
THR CB  HB   sing N N 303 
THR OG1 HG1  sing N N 304 
THR CG2 HG21 sing N N 305 
THR CG2 HG22 sing N N 306 
THR CG2 HG23 sing N N 307 
THR OXT HXT  sing N N 308 
TRP N   CA   sing N N 309 
TRP N   H    sing N N 310 
TRP N   H2   sing N N 311 
TRP CA  C    sing N N 312 
TRP CA  CB   sing N N 313 
TRP CA  HA   sing N N 314 
TRP C   O    doub N N 315 
TRP C   OXT  sing N N 316 
TRP CB  CG   sing N N 317 
TRP CB  HB2  sing N N 318 
TRP CB  HB3  sing N N 319 
TRP CG  CD1  doub Y N 320 
TRP CG  CD2  sing Y N 321 
TRP CD1 NE1  sing Y N 322 
TRP CD1 HD1  sing N N 323 
TRP CD2 CE2  doub Y N 324 
TRP CD2 CE3  sing Y N 325 
TRP NE1 CE2  sing Y N 326 
TRP NE1 HE1  sing N N 327 
TRP CE2 CZ2  sing Y N 328 
TRP CE3 CZ3  doub Y N 329 
TRP CE3 HE3  sing N N 330 
TRP CZ2 CH2  doub Y N 331 
TRP CZ2 HZ2  sing N N 332 
TRP CZ3 CH2  sing Y N 333 
TRP CZ3 HZ3  sing N N 334 
TRP CH2 HH2  sing N N 335 
TRP OXT HXT  sing N N 336 
TYR N   CA   sing N N 337 
TYR N   H    sing N N 338 
TYR N   H2   sing N N 339 
TYR CA  C    sing N N 340 
TYR CA  CB   sing N N 341 
TYR CA  HA   sing N N 342 
TYR C   O    doub N N 343 
TYR C   OXT  sing N N 344 
TYR CB  CG   sing N N 345 
TYR CB  HB2  sing N N 346 
TYR CB  HB3  sing N N 347 
TYR CG  CD1  doub Y N 348 
TYR CG  CD2  sing Y N 349 
TYR CD1 CE1  sing Y N 350 
TYR CD1 HD1  sing N N 351 
TYR CD2 CE2  doub Y N 352 
TYR CD2 HD2  sing N N 353 
TYR CE1 CZ   doub Y N 354 
TYR CE1 HE1  sing N N 355 
TYR CE2 CZ   sing Y N 356 
TYR CE2 HE2  sing N N 357 
TYR CZ  OH   sing N N 358 
TYR OH  HH   sing N N 359 
TYR OXT HXT  sing N N 360 
VAL N   CA   sing N N 361 
VAL N   H    sing N N 362 
VAL N   H2   sing N N 363 
VAL CA  C    sing N N 364 
VAL CA  CB   sing N N 365 
VAL CA  HA   sing N N 366 
VAL C   O    doub N N 367 
VAL C   OXT  sing N N 368 
VAL CB  CG1  sing N N 369 
VAL CB  CG2  sing N N 370 
VAL CB  HB   sing N N 371 
VAL CG1 HG11 sing N N 372 
VAL CG1 HG12 sing N N 373 
VAL CG1 HG13 sing N N 374 
VAL CG2 HG21 sing N N 375 
VAL CG2 HG22 sing N N 376 
VAL CG2 HG23 sing N N 377 
VAL OXT HXT  sing N N 378 
# 
_pdbx_entity_nonpoly.entity_id   3 
_pdbx_entity_nonpoly.name        water 
_pdbx_entity_nonpoly.comp_id     HOH 
# 
_pdbx_initial_refinement_model.id               1 
_pdbx_initial_refinement_model.entity_id_list   ? 
_pdbx_initial_refinement_model.type             'experimental model' 
_pdbx_initial_refinement_model.source_name      PDB 
_pdbx_initial_refinement_model.accession_code   1KNA 
_pdbx_initial_refinement_model.details          ? 
# 
